data_6Q89
#
_entry.id   6Q89
#
_cell.length_a   48.942
_cell.length_b   82.935
_cell.length_c   228.519
_cell.angle_alpha   90.000
_cell.angle_beta   90.000
_cell.angle_gamma   90.000
#
_symmetry.space_group_name_H-M   'P 21 21 21'
#
loop_
_entity.id
_entity.type
_entity.pdbx_description
1 polymer 'Leucine--tRNA ligase'
2 non-polymer "5'-O-(L-leucylsulfamoyl)adenosine"
3 non-polymer 1,2-ETHANEDIOL
4 non-polymer 'ZINC ION'
5 non-polymer 'MAGNESIUM ION'
6 water water
#
_entity_poly.entity_id   1
_entity_poly.type   'polypeptide(L)'
_entity_poly.pdbx_seq_one_letter_code
;GMQEHYQPAAIEPAAQKKWDDARISNVSEDASKPKYYCLSMFPYPSGKLHMGHVRNYTIGDVLSRFKLLNGFNVMQPMGW
DAFGMPAENAAMKNNVAPAAWTYDNIEYMKTQLKSLGFAVDWEREVATCKPEYYRWEQWLFTKLFEKGIVYRKNGTVNWD
PVDQTVLANEQVIDGRGWRSGALIEKREIPMYYFKITDYAEELLNDLDKLEHWPEQVKTMQRNWIGKSRGMTVRFAVSDD
SKQGLEGDYAKFLQVYTTRPDTLMGATYVAVAAEHPLATAAAADKPELQAFIAECKAGSVAEADMATMEKKGVPTGRYVV
NPLNGDKLEVWIANYVLWGYGDGAVMAVPAHDERDFEFAAKYNLPKKQVIAVGDNAFDANRWQEWYGDKENGVLVNSGDL
DGLDFQTAFDAVAAKLQSQGAGEPKTQYRLRDWGISRQRYWGCPIPIVHCEKCGNVPVPADQLPVVLPENVVPDGMGSPL
AKMPEFYETSCPCCGGAAKRETDTMDTFIESSWYFFRYMSPKFSDGMVSAESAKYWGAVDQYIGGIEHAILHLLYARFFT
KLMRDEGLVNVDEPFERLLTQGMVVCETYYRENDKGGKDWINPADVELTFDDKGRPVSAVLKADGLPVVISGTEKMSKSK
NNGVDPQELINAYGADTARLFMMFAAPPEQSLEWSDSGVEGAHRFLRRLWRTVYEYLKQGGAVKAFAGNQDGLSKELKDL
RHKLHSTTAKVSDDYGRRQQFNTAIAAVMELLNQYDKTDTGSEQGRAVAQEVLEAAVRLLWPIVPHICETLWSELNGAKL
WEAGWPTVDEAALVKSEIEVMVQVNGKLRGKITVAADASKADLEAAALANEGAVKFMEGKPAKKIIVVPGRLVNIVV
;
_entity_poly.pdbx_strand_id   A
#
loop_
_chem_comp.id
_chem_comp.type
_chem_comp.name
_chem_comp.formula
EDO non-polymer 1,2-ETHANEDIOL 'C2 H6 O2'
LSS non-polymer 5'-O-(L-leucylsulfamoyl)adenosine 'C16 H25 N7 O7 S'
MG non-polymer 'MAGNESIUM ION' 'Mg 2'
ZN non-polymer 'ZINC ION' 'Zn 2'
#
# COMPACT_ATOMS: atom_id res chain seq x y z
N MET A 2 20.66 -28.61 29.63
CA MET A 2 19.70 -28.42 28.54
C MET A 2 18.73 -29.61 28.43
N GLN A 3 17.43 -29.32 28.51
CA GLN A 3 16.40 -30.33 28.34
C GLN A 3 16.47 -30.92 26.92
N GLU A 4 16.15 -32.21 26.81
CA GLU A 4 16.30 -32.91 25.55
C GLU A 4 15.23 -32.50 24.53
N HIS A 5 13.99 -32.27 24.99
CA HIS A 5 12.89 -32.04 24.07
C HIS A 5 12.42 -30.60 24.07
N TYR A 6 12.12 -30.11 22.89
CA TYR A 6 11.68 -28.72 22.68
C TYR A 6 10.30 -28.51 23.30
N GLN A 7 10.23 -27.66 24.32
CA GLN A 7 8.96 -27.30 24.98
C GLN A 7 8.67 -25.82 24.81
N PRO A 8 8.01 -25.41 23.72
CA PRO A 8 7.75 -23.97 23.53
C PRO A 8 6.90 -23.36 24.63
N ALA A 9 6.00 -24.12 25.25
CA ALA A 9 5.16 -23.54 26.31
C ALA A 9 6.00 -23.07 27.50
N ALA A 10 7.17 -23.69 27.74
CA ALA A 10 8.08 -23.22 28.79
C ALA A 10 9.02 -22.12 28.29
N ILE A 11 9.72 -22.33 27.18
CA ILE A 11 10.78 -21.41 26.80
C ILE A 11 10.27 -20.09 26.21
N GLU A 12 9.05 -20.05 25.67
CA GLU A 12 8.61 -18.82 25.01
C GLU A 12 8.23 -17.74 26.03
N PRO A 13 7.46 -18.05 27.10
CA PRO A 13 7.30 -17.06 28.17
C PRO A 13 8.62 -16.59 28.78
N ALA A 14 9.55 -17.51 29.03
CA ALA A 14 10.82 -17.11 29.65
C ALA A 14 11.65 -16.21 28.71
N ALA A 15 11.61 -16.48 27.40
CA ALA A 15 12.32 -15.59 26.49
C ALA A 15 11.70 -14.19 26.47
N GLN A 16 10.37 -14.13 26.41
CA GLN A 16 9.71 -12.83 26.41
C GLN A 16 10.03 -12.03 27.67
N LYS A 17 10.05 -12.70 28.84
CA LYS A 17 10.43 -12.01 30.07
C LYS A 17 11.85 -11.46 29.98
N LYS A 18 12.77 -12.26 29.42
CA LYS A 18 14.15 -11.79 29.26
C LYS A 18 14.22 -10.56 28.34
N TRP A 19 13.47 -10.54 27.25
CA TRP A 19 13.51 -9.34 26.38
C TRP A 19 12.86 -8.15 27.08
N ASP A 20 11.69 -8.35 27.68
CA ASP A 20 11.02 -7.28 28.41
C ASP A 20 11.92 -6.70 29.50
N ASP A 21 12.52 -7.58 30.32
CA ASP A 21 13.39 -7.12 31.40
C ASP A 21 14.59 -6.36 30.87
N ALA A 22 15.16 -6.80 29.75
CA ALA A 22 16.27 -6.04 29.19
C ALA A 22 15.82 -4.77 28.48
N ARG A 23 14.52 -4.60 28.25
CA ARG A 23 13.96 -3.43 27.57
C ARG A 23 14.55 -3.21 26.17
N ILE A 24 14.88 -4.29 25.45
CA ILE A 24 15.58 -4.12 24.19
C ILE A 24 14.71 -3.43 23.13
N SER A 25 13.38 -3.49 23.28
CA SER A 25 12.48 -2.87 22.31
C SER A 25 11.83 -1.57 22.79
N ASN A 26 12.21 -1.07 23.98
CA ASN A 26 11.78 0.24 24.47
C ASN A 26 12.90 1.23 24.15
N VAL A 27 12.70 2.07 23.14
CA VAL A 27 13.79 2.86 22.59
C VAL A 27 13.54 4.33 22.84
N SER A 28 14.62 5.10 22.90
CA SER A 28 14.61 6.55 23.03
C SER A 28 15.27 7.17 21.81
N GLU A 29 15.34 8.51 21.80
CA GLU A 29 15.93 9.28 20.71
C GLU A 29 17.45 9.36 20.92
N ASP A 30 18.09 8.21 20.77
CA ASP A 30 19.49 7.99 21.12
C ASP A 30 20.38 8.44 19.95
N ALA A 31 21.00 9.62 20.07
CA ALA A 31 21.80 10.14 18.96
C ALA A 31 23.02 9.28 18.68
N SER A 32 23.45 8.45 19.63
CA SER A 32 24.61 7.59 19.47
C SER A 32 24.28 6.26 18.81
N LYS A 33 23.10 6.13 18.20
CA LYS A 33 22.72 4.90 17.53
C LYS A 33 22.00 5.31 16.26
N PRO A 34 22.22 4.61 15.15
CA PRO A 34 21.49 4.93 13.92
C PRO A 34 20.05 4.45 14.03
N LYS A 35 19.12 5.32 13.65
CA LYS A 35 17.70 5.00 13.86
C LYS A 35 17.18 4.08 12.78
N TYR A 36 16.17 3.28 13.13
CA TYR A 36 15.41 2.53 12.14
C TYR A 36 13.97 2.44 12.60
N TYR A 37 13.07 2.97 11.79
CA TYR A 37 11.66 3.05 12.12
C TYR A 37 10.94 2.09 11.17
N CYS A 38 10.47 0.96 11.73
CA CYS A 38 9.76 -0.06 10.97
C CYS A 38 8.33 -0.12 11.51
N LEU A 39 7.37 0.03 10.62
CA LEU A 39 5.96 0.18 10.97
C LEU A 39 5.10 -0.80 10.19
N SER A 40 4.19 -1.46 10.89
CA SER A 40 3.15 -2.25 10.25
C SER A 40 1.82 -1.52 10.41
N MET A 41 0.95 -1.61 9.41
CA MET A 41 -0.33 -0.91 9.51
C MET A 41 -1.10 -1.39 10.74
N PHE A 42 -1.45 -0.45 11.62
CA PHE A 42 -2.06 -0.82 12.88
C PHE A 42 -3.52 -1.26 12.71
N PRO A 43 -3.97 -2.23 13.51
CA PRO A 43 -5.26 -2.88 13.26
C PRO A 43 -6.43 -2.10 13.84
N TYR A 44 -7.63 -2.41 13.31
CA TYR A 44 -8.86 -2.00 13.99
C TYR A 44 -9.10 -2.92 15.19
N PRO A 45 -9.36 -2.39 16.38
CA PRO A 45 -9.61 -3.28 17.55
C PRO A 45 -11.02 -3.86 17.51
N SER A 46 -11.25 -4.77 16.56
CA SER A 46 -12.60 -5.22 16.29
C SER A 46 -12.94 -6.56 16.94
N GLY A 47 -12.02 -7.14 17.71
CA GLY A 47 -12.34 -8.34 18.47
C GLY A 47 -11.15 -9.25 18.64
N LYS A 48 -10.75 -9.92 17.57
CA LYS A 48 -9.61 -10.81 17.61
C LYS A 48 -8.77 -10.63 16.37
N LEU A 49 -7.45 -10.56 16.54
CA LEU A 49 -6.56 -10.78 15.42
C LEU A 49 -6.64 -12.24 14.99
N HIS A 50 -6.28 -12.48 13.73
CA HIS A 50 -6.21 -13.84 13.19
C HIS A 50 -4.88 -13.99 12.49
N MET A 51 -4.68 -15.15 11.87
CA MET A 51 -3.36 -15.44 11.33
C MET A 51 -2.98 -14.48 10.20
N GLY A 52 -3.96 -13.85 9.55
CA GLY A 52 -3.68 -12.86 8.52
C GLY A 52 -2.95 -11.65 9.06
N HIS A 53 -3.54 -10.99 10.05
CA HIS A 53 -2.84 -9.95 10.80
C HIS A 53 -1.47 -10.42 11.24
N VAL A 54 -1.38 -11.67 11.70
CA VAL A 54 -0.14 -12.18 12.27
C VAL A 54 0.96 -12.26 11.21
N ARG A 55 0.62 -12.67 9.98
CA ARG A 55 1.62 -12.62 8.93
C ARG A 55 2.17 -11.22 8.73
N ASN A 56 1.29 -10.23 8.69
CA ASN A 56 1.73 -8.84 8.51
C ASN A 56 2.67 -8.42 9.64
N TYR A 57 2.30 -8.70 10.87
CA TYR A 57 3.12 -8.25 11.99
C TYR A 57 4.36 -9.11 12.16
N THR A 58 4.32 -10.37 11.71
CA THR A 58 5.53 -11.17 11.70
C THR A 58 6.51 -10.61 10.68
N ILE A 59 6.02 -10.23 9.49
CA ILE A 59 6.94 -9.66 8.52
C ILE A 59 7.63 -8.45 9.12
N GLY A 60 6.84 -7.58 9.78
CA GLY A 60 7.42 -6.38 10.37
C GLY A 60 8.44 -6.69 11.45
N ASP A 61 8.15 -7.71 12.28
CA ASP A 61 9.07 -8.09 13.36
C ASP A 61 10.35 -8.70 12.81
N VAL A 62 10.25 -9.51 11.76
CA VAL A 62 11.44 -10.07 11.13
C VAL A 62 12.38 -8.96 10.70
N LEU A 63 11.83 -7.92 10.04
CA LEU A 63 12.65 -6.81 9.55
C LEU A 63 13.21 -6.01 10.71
N SER A 64 12.39 -5.78 11.74
CA SER A 64 12.88 -5.04 12.90
C SER A 64 14.01 -5.78 13.61
N ARG A 65 13.85 -7.10 13.80
CA ARG A 65 14.86 -7.86 14.54
C ARG A 65 16.15 -7.99 13.73
N PHE A 66 16.04 -8.09 12.41
CA PHE A 66 17.22 -8.07 11.57
C PHE A 66 18.01 -6.77 11.78
N LYS A 67 17.33 -5.63 11.71
CA LYS A 67 18.01 -4.35 11.91
C LYS A 67 18.54 -4.22 13.32
N LEU A 68 17.78 -4.73 14.30
CA LEU A 68 18.26 -4.72 15.66
C LEU A 68 19.60 -5.47 15.78
N LEU A 69 19.70 -6.64 15.15
CA LEU A 69 20.94 -7.41 15.22
C LEU A 69 22.09 -6.71 14.52
N ASN A 70 21.82 -5.78 13.59
CA ASN A 70 22.86 -5.08 12.88
C ASN A 70 23.19 -3.72 13.49
N GLY A 71 22.82 -3.51 14.76
CA GLY A 71 23.18 -2.32 15.50
C GLY A 71 22.21 -1.14 15.46
N PHE A 72 21.06 -1.27 14.81
CA PHE A 72 20.17 -0.12 14.72
C PHE A 72 19.37 0.08 16.01
N ASN A 73 19.10 1.34 16.32
CA ASN A 73 18.11 1.74 17.31
C ASN A 73 16.74 1.61 16.65
N VAL A 74 16.05 0.50 16.87
CA VAL A 74 14.85 0.14 16.11
C VAL A 74 13.60 0.53 16.90
N MET A 75 12.72 1.31 16.28
CA MET A 75 11.39 1.57 16.82
C MET A 75 10.39 0.75 16.01
N GLN A 76 9.66 -0.13 16.69
CA GLN A 76 8.59 -0.90 16.06
C GLN A 76 7.36 -0.75 16.93
N PRO A 77 6.51 0.23 16.61
CA PRO A 77 5.40 0.59 17.48
C PRO A 77 4.09 -0.05 17.09
N MET A 78 3.17 -0.14 18.04
CA MET A 78 1.90 -0.81 17.83
C MET A 78 0.79 0.01 18.47
N GLY A 79 -0.38 0.03 17.83
CA GLY A 79 -1.45 0.87 18.31
C GLY A 79 -2.77 0.41 17.75
N TRP A 80 -3.82 1.21 18.01
CA TRP A 80 -5.19 0.78 17.78
C TRP A 80 -5.94 1.85 17.01
N ASP A 81 -6.34 1.51 15.78
CA ASP A 81 -7.14 2.35 14.89
C ASP A 81 -8.60 2.24 15.33
N ALA A 82 -8.94 2.95 16.41
CA ALA A 82 -10.04 2.54 17.26
C ALA A 82 -11.41 3.13 16.89
N PHE A 83 -11.49 4.20 16.11
CA PHE A 83 -12.79 4.75 15.76
C PHE A 83 -13.42 4.01 14.58
N GLY A 84 -14.72 4.17 14.40
CA GLY A 84 -15.32 3.76 13.15
C GLY A 84 -16.51 2.87 13.33
N MET A 85 -16.94 2.26 12.22
CA MET A 85 -18.23 1.58 12.17
C MET A 85 -18.27 0.23 12.86
N PRO A 86 -17.14 -0.53 12.95
CA PRO A 86 -17.15 -1.76 13.77
C PRO A 86 -17.84 -1.62 15.12
N ALA A 87 -17.39 -0.66 15.93
CA ALA A 87 -17.91 -0.56 17.29
C ALA A 87 -19.34 -0.06 17.31
N GLU A 88 -19.72 0.78 16.35
CA GLU A 88 -21.11 1.23 16.31
C GLU A 88 -22.05 0.07 15.98
N ASN A 89 -21.62 -0.84 15.10
CA ASN A 89 -22.46 -1.98 14.76
C ASN A 89 -22.56 -2.97 15.92
N ALA A 90 -21.45 -3.18 16.63
CA ALA A 90 -21.53 -3.97 17.85
C ALA A 90 -22.41 -3.30 18.90
N ALA A 91 -22.44 -1.97 18.92
CA ALA A 91 -23.30 -1.27 19.87
C ALA A 91 -24.78 -1.55 19.58
N MET A 92 -25.14 -1.64 18.30
CA MET A 92 -26.51 -1.98 17.94
C MET A 92 -26.79 -3.46 18.19
N LYS A 93 -25.79 -4.32 18.03
CA LYS A 93 -26.00 -5.76 18.24
C LYS A 93 -26.08 -6.08 19.73
N ASN A 94 -24.95 -6.05 20.42
CA ASN A 94 -24.86 -6.46 21.82
C ASN A 94 -25.35 -5.41 22.80
N ASN A 95 -25.88 -4.29 22.33
CA ASN A 95 -26.44 -3.24 23.19
C ASN A 95 -25.42 -2.78 24.23
N VAL A 96 -24.23 -2.39 23.77
CA VAL A 96 -23.13 -1.98 24.63
C VAL A 96 -22.49 -0.74 24.04
N ALA A 97 -21.86 0.06 24.90
CA ALA A 97 -21.23 1.30 24.45
C ALA A 97 -20.02 1.01 23.56
N PRO A 98 -19.84 1.79 22.48
CA PRO A 98 -18.68 1.55 21.61
C PRO A 98 -17.36 1.64 22.35
N ALA A 99 -17.22 2.57 23.29
CA ALA A 99 -15.96 2.71 24.02
C ALA A 99 -15.62 1.40 24.74
N ALA A 100 -16.60 0.84 25.48
CA ALA A 100 -16.36 -0.36 26.27
C ALA A 100 -16.02 -1.55 25.38
N TRP A 101 -16.81 -1.76 24.33
CA TRP A 101 -16.49 -2.78 23.33
C TRP A 101 -15.07 -2.62 22.82
N THR A 102 -14.64 -1.38 22.57
CA THR A 102 -13.34 -1.15 21.96
C THR A 102 -12.20 -1.47 22.93
N TYR A 103 -12.29 -0.94 24.16
CA TYR A 103 -11.24 -1.14 25.14
C TYR A 103 -11.09 -2.60 25.52
N ASP A 104 -12.20 -3.36 25.45
CA ASP A 104 -12.16 -4.79 25.76
C ASP A 104 -11.48 -5.57 24.65
N ASN A 105 -11.77 -5.24 23.39
CA ASN A 105 -11.06 -5.86 22.27
C ASN A 105 -9.57 -5.54 22.32
N ILE A 106 -9.22 -4.30 22.68
CA ILE A 106 -7.82 -3.91 22.74
C ILE A 106 -7.07 -4.76 23.74
N GLU A 107 -7.63 -4.90 24.94
CA GLU A 107 -7.05 -5.76 25.96
C GLU A 107 -6.85 -7.17 25.43
N TYR A 108 -7.89 -7.77 24.86
CA TYR A 108 -7.73 -9.11 24.30
C TYR A 108 -6.67 -9.12 23.21
N MET A 109 -6.73 -8.16 22.29
CA MET A 109 -5.82 -8.22 21.15
C MET A 109 -4.38 -7.92 21.57
N LYS A 110 -4.18 -7.06 22.57
CA LYS A 110 -2.83 -6.80 23.02
C LYS A 110 -2.18 -8.08 23.56
N THR A 111 -2.94 -8.90 24.30
CA THR A 111 -2.33 -10.13 24.77
C THR A 111 -2.08 -11.10 23.63
N GLN A 112 -2.89 -11.07 22.57
CA GLN A 112 -2.59 -11.90 21.41
C GLN A 112 -1.20 -11.58 20.87
N LEU A 113 -0.87 -10.29 20.80
CA LEU A 113 0.39 -9.88 20.19
C LEU A 113 1.58 -10.20 21.11
N LYS A 114 1.42 -9.93 22.42
CA LYS A 114 2.48 -10.21 23.38
C LYS A 114 2.93 -11.66 23.30
N SER A 115 1.97 -12.58 23.15
CA SER A 115 2.31 -13.99 23.15
C SER A 115 2.99 -14.45 21.86
N LEU A 116 2.88 -13.68 20.77
CA LEU A 116 3.68 -13.97 19.58
C LEU A 116 5.12 -13.46 19.71
N GLY A 117 5.39 -12.64 20.70
CA GLY A 117 6.77 -12.21 20.94
C GLY A 117 7.31 -11.21 19.96
N PHE A 118 6.48 -10.26 19.50
CA PHE A 118 6.97 -9.23 18.60
C PHE A 118 7.79 -8.21 19.39
N ALA A 119 8.88 -7.72 18.78
CA ALA A 119 9.78 -6.76 19.44
C ALA A 119 9.22 -5.34 19.30
N VAL A 120 8.26 -5.03 20.17
CA VAL A 120 7.40 -3.86 20.04
C VAL A 120 7.63 -2.94 21.24
N ASP A 121 7.68 -1.64 20.99
CA ASP A 121 7.77 -0.63 22.05
C ASP A 121 6.36 -0.33 22.54
N TRP A 122 5.90 -1.11 23.53
CA TRP A 122 4.57 -0.92 24.09
C TRP A 122 4.44 0.39 24.86
N GLU A 123 5.56 0.97 25.31
CA GLU A 123 5.50 2.30 25.89
C GLU A 123 5.09 3.37 24.88
N ARG A 124 5.07 3.04 23.59
CA ARG A 124 4.66 3.98 22.55
C ARG A 124 3.26 3.70 22.04
N GLU A 125 2.58 2.73 22.65
CA GLU A 125 1.22 2.36 22.26
C GLU A 125 0.30 3.57 22.28
N VAL A 126 -0.51 3.71 21.23
CA VAL A 126 -1.57 4.71 21.21
C VAL A 126 -2.89 4.02 20.88
N ALA A 127 -3.97 4.59 21.41
CA ALA A 127 -5.33 4.22 21.05
C ALA A 127 -6.01 5.47 20.51
N THR A 128 -6.46 5.44 19.26
CA THR A 128 -6.88 6.68 18.61
C THR A 128 -8.19 7.25 19.14
N CYS A 129 -8.98 6.47 19.88
CA CYS A 129 -10.22 7.02 20.41
C CYS A 129 -10.01 7.76 21.72
N LYS A 130 -8.76 7.94 22.16
CA LYS A 130 -8.51 8.62 23.42
C LYS A 130 -8.32 10.12 23.18
N PRO A 131 -8.91 10.96 24.05
CA PRO A 131 -8.73 12.40 23.92
C PRO A 131 -7.29 12.85 23.74
N GLU A 132 -6.35 12.24 24.49
CA GLU A 132 -4.93 12.55 24.38
C GLU A 132 -4.41 12.37 22.97
N TYR A 133 -5.05 11.53 22.16
CA TYR A 133 -4.70 11.40 20.75
C TYR A 133 -5.48 12.38 19.86
N TYR A 134 -6.81 12.29 19.87
CA TYR A 134 -7.56 12.95 18.81
C TYR A 134 -7.65 14.46 19.01
N ARG A 135 -7.32 14.97 20.20
CA ARG A 135 -7.21 16.41 20.37
C ARG A 135 -6.29 17.06 19.34
N TRP A 136 -5.28 16.32 18.86
CA TRP A 136 -4.28 16.90 17.97
C TRP A 136 -4.73 16.93 16.52
N GLU A 137 -5.58 15.98 16.11
CA GLU A 137 -6.20 16.13 14.81
C GLU A 137 -7.29 17.19 14.86
N GLN A 138 -7.94 17.38 16.01
CA GLN A 138 -8.81 18.54 16.16
C GLN A 138 -8.01 19.85 16.05
N TRP A 139 -6.86 19.91 16.74
CA TRP A 139 -6.01 21.08 16.66
C TRP A 139 -5.66 21.41 15.21
N LEU A 140 -5.17 20.42 14.47
CA LEU A 140 -4.76 20.66 13.10
C LEU A 140 -5.96 21.09 12.26
N PHE A 141 -7.12 20.47 12.51
CA PHE A 141 -8.34 20.88 11.84
C PHE A 141 -8.57 22.38 12.00
N THR A 142 -8.48 22.90 13.23
CA THR A 142 -8.74 24.33 13.44
C THR A 142 -7.66 25.18 12.77
N LYS A 143 -6.41 24.73 12.74
CA LYS A 143 -5.37 25.53 12.10
C LYS A 143 -5.58 25.58 10.59
N LEU A 144 -6.00 24.46 9.99
CA LEU A 144 -6.26 24.46 8.56
C LEU A 144 -7.55 25.21 8.21
N PHE A 145 -8.55 25.20 9.10
CA PHE A 145 -9.81 25.87 8.84
C PHE A 145 -9.61 27.38 8.70
N GLU A 146 -8.79 27.98 9.57
CA GLU A 146 -8.56 29.41 9.49
C GLU A 146 -7.77 29.81 8.26
N LYS A 147 -6.97 28.89 7.70
CA LYS A 147 -6.28 29.09 6.42
C LYS A 147 -7.14 28.75 5.20
N GLY A 148 -8.37 28.28 5.38
CA GLY A 148 -9.18 27.86 4.26
C GLY A 148 -8.83 26.51 3.67
N ILE A 149 -7.76 25.86 4.15
CA ILE A 149 -7.43 24.50 3.71
C ILE A 149 -8.52 23.50 4.12
N VAL A 150 -9.18 23.72 5.25
CA VAL A 150 -10.44 23.06 5.58
C VAL A 150 -11.54 24.10 5.44
N TYR A 151 -12.64 23.73 4.77
CA TYR A 151 -13.73 24.67 4.55
C TYR A 151 -15.06 23.94 4.66
N ARG A 152 -16.13 24.74 4.81
CA ARG A 152 -17.48 24.25 4.93
C ARG A 152 -18.23 24.53 3.63
N LYS A 153 -18.91 23.52 3.09
CA LYS A 153 -19.74 23.76 1.92
C LYS A 153 -20.76 22.63 1.79
N ASN A 154 -21.84 22.93 1.07
CA ASN A 154 -22.90 21.96 0.86
C ASN A 154 -22.40 20.80 0.00
N GLY A 155 -22.72 19.58 0.40
CA GLY A 155 -22.45 18.42 -0.42
C GLY A 155 -23.67 17.50 -0.41
N THR A 156 -23.64 16.52 -1.32
CA THR A 156 -24.74 15.58 -1.46
C THR A 156 -24.55 14.38 -0.54
N VAL A 157 -25.66 13.93 0.08
CA VAL A 157 -25.66 12.72 0.90
C VAL A 157 -26.89 11.87 0.58
N ASN A 158 -26.79 10.58 0.91
CA ASN A 158 -27.89 9.64 0.79
C ASN A 158 -28.71 9.68 2.06
N TRP A 159 -29.93 10.19 1.97
CA TRP A 159 -30.84 10.24 3.10
C TRP A 159 -31.87 9.13 2.98
N ASP A 160 -31.85 8.21 3.94
CA ASP A 160 -32.84 7.14 4.11
C ASP A 160 -34.03 7.69 4.88
N PRO A 161 -35.20 7.84 4.24
CA PRO A 161 -36.33 8.51 4.92
C PRO A 161 -36.99 7.68 6.01
N VAL A 162 -36.85 6.36 5.97
CA VAL A 162 -37.44 5.49 6.99
C VAL A 162 -36.53 5.37 8.20
N ASP A 163 -35.28 4.94 7.97
CA ASP A 163 -34.35 4.80 9.09
C ASP A 163 -33.90 6.15 9.63
N GLN A 164 -34.12 7.23 8.89
CA GLN A 164 -33.86 8.60 9.34
C GLN A 164 -32.37 8.83 9.59
N THR A 165 -31.53 8.32 8.69
CA THR A 165 -30.08 8.49 8.79
C THR A 165 -29.48 8.66 7.41
N VAL A 166 -28.24 9.16 7.39
CA VAL A 166 -27.42 9.19 6.19
C VAL A 166 -26.82 7.82 5.95
N LEU A 167 -26.75 7.42 4.68
CA LEU A 167 -26.22 6.11 4.32
C LEU A 167 -24.99 6.27 3.45
N ALA A 168 -24.01 5.41 3.69
CA ALA A 168 -22.88 5.32 2.77
C ALA A 168 -23.38 4.80 1.42
N ASN A 169 -22.69 5.20 0.35
CA ASN A 169 -23.05 4.71 -0.98
C ASN A 169 -23.05 3.19 -1.05
N GLU A 170 -22.13 2.55 -0.31
CA GLU A 170 -22.05 1.10 -0.27
C GLU A 170 -23.28 0.45 0.34
N GLN A 171 -24.14 1.22 1.02
CA GLN A 171 -25.36 0.71 1.61
C GLN A 171 -26.61 1.14 0.84
N VAL A 172 -26.45 1.66 -0.37
CA VAL A 172 -27.55 2.02 -1.25
C VAL A 172 -27.54 1.04 -2.41
N ILE A 173 -28.41 0.04 -2.37
CA ILE A 173 -28.43 -1.03 -3.35
C ILE A 173 -29.65 -0.82 -4.23
N ASP A 174 -29.40 -0.43 -5.49
CA ASP A 174 -30.44 -0.32 -6.53
C ASP A 174 -31.41 0.83 -6.25
N GLY A 175 -30.89 1.93 -5.71
CA GLY A 175 -31.67 3.12 -5.49
C GLY A 175 -32.30 3.23 -4.12
N ARG A 176 -32.25 2.16 -3.31
CA ARG A 176 -32.99 2.07 -2.06
C ARG A 176 -32.07 1.71 -0.91
N GLY A 177 -32.56 1.90 0.31
CA GLY A 177 -31.74 1.64 1.48
C GLY A 177 -31.51 0.16 1.71
N TRP A 178 -30.36 -0.15 2.30
CA TRP A 178 -29.94 -1.53 2.49
C TRP A 178 -30.84 -2.25 3.49
N ARG A 179 -30.91 -1.75 4.72
CA ARG A 179 -31.66 -2.38 5.79
C ARG A 179 -33.12 -1.91 5.83
N SER A 180 -33.57 -1.18 4.80
CA SER A 180 -34.93 -0.65 4.82
C SER A 180 -35.64 -0.71 3.48
N GLY A 181 -34.95 -0.79 2.35
CA GLY A 181 -35.61 -0.82 1.05
C GLY A 181 -36.28 0.47 0.63
N ALA A 182 -36.32 1.47 1.49
CA ALA A 182 -36.96 2.73 1.11
C ALA A 182 -36.11 3.47 0.09
N LEU A 183 -36.79 4.20 -0.80
CA LEU A 183 -36.10 4.88 -1.88
C LEU A 183 -35.28 6.06 -1.33
N ILE A 184 -33.98 6.05 -1.61
CA ILE A 184 -33.04 6.99 -1.01
C ILE A 184 -33.18 8.37 -1.64
N GLU A 185 -33.16 9.42 -0.82
CA GLU A 185 -33.22 10.80 -1.29
C GLU A 185 -31.81 11.42 -1.35
N LYS A 186 -31.54 12.13 -2.43
CA LYS A 186 -30.32 12.91 -2.57
C LYS A 186 -30.56 14.26 -1.90
N ARG A 187 -29.83 14.52 -0.80
CA ARG A 187 -29.98 15.72 -0.01
C ARG A 187 -28.68 16.50 0.03
N GLU A 188 -28.80 17.82 0.14
CA GLU A 188 -27.65 18.71 0.21
C GLU A 188 -27.53 19.28 1.63
N ILE A 189 -26.42 18.96 2.31
CA ILE A 189 -26.23 19.38 3.70
C ILE A 189 -24.83 19.97 3.86
N PRO A 190 -24.62 20.91 4.78
CA PRO A 190 -23.28 21.50 4.92
C PRO A 190 -22.31 20.46 5.48
N MET A 191 -21.13 20.36 4.88
CA MET A 191 -20.12 19.43 5.36
C MET A 191 -18.74 20.07 5.29
N TYR A 192 -17.75 19.35 5.83
CA TYR A 192 -16.39 19.87 5.90
C TYR A 192 -15.48 19.09 4.98
N TYR A 193 -14.55 19.82 4.36
CA TYR A 193 -13.68 19.25 3.33
C TYR A 193 -12.24 19.69 3.55
N PHE A 194 -11.32 18.82 3.18
CA PHE A 194 -9.93 19.20 2.98
C PHE A 194 -9.75 19.60 1.54
N LYS A 195 -9.13 20.74 1.30
CA LYS A 195 -8.86 21.20 -0.05
C LYS A 195 -7.63 20.46 -0.59
N ILE A 196 -7.76 19.14 -0.74
CA ILE A 196 -6.62 18.37 -1.19
C ILE A 196 -6.29 18.65 -2.66
N THR A 197 -7.25 19.14 -3.44
CA THR A 197 -6.97 19.51 -4.82
C THR A 197 -5.88 20.58 -4.90
N ASP A 198 -5.76 21.44 -3.89
CA ASP A 198 -4.66 22.40 -3.87
C ASP A 198 -3.28 21.76 -3.76
N TYR A 199 -3.18 20.47 -3.45
CA TYR A 199 -1.89 19.81 -3.31
C TYR A 199 -1.67 18.73 -4.37
N ALA A 200 -2.54 18.68 -5.38
CA ALA A 200 -2.55 17.58 -6.34
C ALA A 200 -1.21 17.45 -7.04
N GLU A 201 -0.68 18.57 -7.50
CA GLU A 201 0.59 18.57 -8.24
C GLU A 201 1.73 18.11 -7.35
N GLU A 202 1.79 18.63 -6.13
CA GLU A 202 2.80 18.16 -5.18
C GLU A 202 2.63 16.66 -4.90
N LEU A 203 1.39 16.21 -4.65
CA LEU A 203 1.16 14.81 -4.35
C LEU A 203 1.50 13.91 -5.53
N LEU A 204 1.26 14.40 -6.75
CA LEU A 204 1.62 13.66 -7.94
C LEU A 204 3.14 13.64 -8.14
N ASN A 205 3.77 14.82 -8.12
CA ASN A 205 5.18 14.89 -8.51
C ASN A 205 6.09 14.23 -7.49
N ASP A 206 5.75 14.28 -6.20
CA ASP A 206 6.61 13.73 -5.16
C ASP A 206 6.68 12.21 -5.18
N LEU A 207 5.78 11.55 -5.93
CA LEU A 207 5.88 10.10 -6.13
C LEU A 207 7.19 9.73 -6.79
N ASP A 208 7.75 10.66 -7.58
CA ASP A 208 9.01 10.41 -8.26
C ASP A 208 10.16 10.25 -7.27
N LYS A 209 10.05 10.90 -6.11
CA LYS A 209 11.06 10.75 -5.06
C LYS A 209 11.08 9.34 -4.48
N LEU A 210 10.02 8.57 -4.67
CA LEU A 210 9.86 7.30 -3.95
C LEU A 210 10.49 6.16 -4.77
N GLU A 211 11.82 6.20 -4.82
CA GLU A 211 12.55 5.22 -5.61
C GLU A 211 12.41 3.80 -5.07
N HIS A 212 12.03 3.60 -3.80
CA HIS A 212 11.89 2.25 -3.26
C HIS A 212 10.43 1.87 -3.02
N TRP A 213 9.50 2.45 -3.84
CA TRP A 213 8.12 1.99 -3.74
C TRP A 213 7.81 1.02 -4.86
N PRO A 214 6.88 0.10 -4.66
CA PRO A 214 6.40 -0.70 -5.80
C PRO A 214 5.78 0.20 -6.86
N GLU A 215 6.22 0.02 -8.12
CA GLU A 215 5.72 0.88 -9.18
C GLU A 215 4.21 0.77 -9.33
N GLN A 216 3.62 -0.36 -8.94
CA GLN A 216 2.17 -0.47 -9.10
C GLN A 216 1.44 0.46 -8.14
N VAL A 217 1.97 0.64 -6.92
CA VAL A 217 1.33 1.54 -5.96
C VAL A 217 1.44 2.99 -6.43
N LYS A 218 2.61 3.38 -6.91
CA LYS A 218 2.76 4.71 -7.49
C LYS A 218 1.79 4.88 -8.66
N THR A 219 1.69 3.87 -9.54
CA THR A 219 0.80 3.94 -10.68
C THR A 219 -0.66 4.15 -10.26
N MET A 220 -1.06 3.46 -9.19
CA MET A 220 -2.44 3.60 -8.68
C MET A 220 -2.69 4.98 -8.11
N GLN A 221 -1.71 5.55 -7.40
CA GLN A 221 -1.87 6.91 -6.91
C GLN A 221 -1.94 7.91 -8.06
N ARG A 222 -1.06 7.76 -9.04
CA ARG A 222 -1.10 8.67 -10.19
C ARG A 222 -2.47 8.62 -10.87
N ASN A 223 -2.99 7.41 -11.09
CA ASN A 223 -4.27 7.25 -11.76
C ASN A 223 -5.41 7.82 -10.92
N TRP A 224 -5.32 7.69 -9.59
CA TRP A 224 -6.33 8.28 -8.72
C TRP A 224 -6.29 9.81 -8.81
N ILE A 225 -5.10 10.39 -8.73
CA ILE A 225 -4.99 11.85 -8.87
C ILE A 225 -5.42 12.27 -10.27
N GLY A 226 -5.02 11.50 -11.28
CA GLY A 226 -5.58 11.67 -12.60
C GLY A 226 -5.39 13.05 -13.17
N LYS A 227 -4.14 13.51 -13.21
CA LYS A 227 -3.83 14.76 -13.90
C LYS A 227 -3.97 14.56 -15.41
N SER A 228 -4.51 15.58 -16.09
CA SER A 228 -4.51 15.63 -17.55
C SER A 228 -4.18 17.03 -18.01
N ARG A 229 -3.42 17.11 -19.11
CA ARG A 229 -3.16 18.38 -19.78
C ARG A 229 -4.11 18.46 -20.97
N GLY A 230 -5.00 19.42 -20.95
CA GLY A 230 -5.99 19.50 -22.00
C GLY A 230 -6.19 20.90 -22.51
N MET A 231 -7.38 21.11 -23.07
CA MET A 231 -7.70 22.34 -23.78
C MET A 231 -9.15 22.67 -23.50
N THR A 232 -9.40 23.85 -22.94
CA THR A 232 -10.73 24.44 -22.96
C THR A 232 -11.07 24.91 -24.36
N VAL A 233 -12.26 24.55 -24.84
CA VAL A 233 -12.72 24.92 -26.18
C VAL A 233 -14.16 25.42 -26.05
N ARG A 234 -14.43 26.57 -26.68
CA ARG A 234 -15.75 27.18 -26.72
C ARG A 234 -16.32 27.05 -28.12
N PHE A 235 -17.54 26.53 -28.22
CA PHE A 235 -18.29 26.49 -29.47
C PHE A 235 -19.36 27.58 -29.43
N ALA A 236 -19.42 28.40 -30.47
CA ALA A 236 -20.41 29.48 -30.52
C ALA A 236 -21.82 28.89 -30.62
N VAL A 237 -22.74 29.39 -29.77
CA VAL A 237 -24.15 29.07 -29.95
C VAL A 237 -24.64 29.61 -31.29
N SER A 238 -25.22 28.73 -32.11
CA SER A 238 -25.78 29.18 -33.37
C SER A 238 -26.94 30.14 -33.14
N ASP A 239 -27.25 30.94 -34.16
CA ASP A 239 -28.21 32.03 -34.00
C ASP A 239 -29.62 31.51 -33.75
N ASP A 240 -29.98 30.39 -34.37
CA ASP A 240 -31.30 29.78 -34.19
C ASP A 240 -31.45 29.00 -32.89
N SER A 241 -30.41 28.94 -32.05
CA SER A 241 -30.41 28.00 -30.93
C SER A 241 -30.31 28.72 -29.59
N LYS A 242 -30.76 29.97 -29.51
CA LYS A 242 -30.49 30.79 -28.34
C LYS A 242 -31.70 30.97 -27.42
N GLN A 243 -32.85 30.40 -27.76
CA GLN A 243 -34.05 30.62 -26.96
C GLN A 243 -33.85 30.09 -25.55
N GLY A 244 -34.33 30.86 -24.57
CA GLY A 244 -34.30 30.47 -23.17
C GLY A 244 -32.95 30.55 -22.50
N LEU A 245 -31.87 30.80 -23.25
CA LEU A 245 -30.52 30.78 -22.71
C LEU A 245 -30.12 32.18 -22.25
N GLU A 246 -29.53 32.25 -21.06
CA GLU A 246 -29.19 33.53 -20.44
C GLU A 246 -27.74 33.52 -19.99
N GLY A 247 -27.02 34.60 -20.27
CA GLY A 247 -25.65 34.77 -19.79
C GLY A 247 -24.58 34.37 -20.78
N ASP A 248 -23.53 33.72 -20.28
CA ASP A 248 -22.50 33.18 -21.18
C ASP A 248 -23.00 31.92 -21.89
N TYR A 249 -23.95 31.18 -21.27
CA TYR A 249 -24.56 30.05 -21.95
C TYR A 249 -25.26 30.47 -23.22
N ALA A 250 -25.65 31.74 -23.32
CA ALA A 250 -26.27 32.26 -24.52
C ALA A 250 -25.27 32.48 -25.64
N LYS A 251 -23.99 32.60 -25.32
CA LYS A 251 -22.98 32.96 -26.30
C LYS A 251 -22.16 31.77 -26.80
N PHE A 252 -21.79 30.84 -25.92
CA PHE A 252 -20.98 29.70 -26.34
C PHE A 252 -21.28 28.49 -25.47
N LEU A 253 -20.91 27.33 -25.99
CA LEU A 253 -20.88 26.07 -25.24
C LEU A 253 -19.42 25.71 -25.00
N GLN A 254 -19.04 25.59 -23.73
CA GLN A 254 -17.65 25.32 -23.36
C GLN A 254 -17.46 23.86 -22.97
N VAL A 255 -16.36 23.25 -23.44
CA VAL A 255 -16.00 21.87 -23.12
C VAL A 255 -14.52 21.83 -22.79
N TYR A 256 -14.13 20.73 -22.14
CA TYR A 256 -12.72 20.38 -21.92
C TYR A 256 -12.41 19.12 -22.72
N THR A 257 -11.29 19.13 -23.46
CA THR A 257 -10.83 17.95 -24.18
C THR A 257 -9.35 17.72 -23.91
N THR A 258 -8.96 16.46 -23.71
CA THR A 258 -7.55 16.11 -23.70
C THR A 258 -7.05 15.73 -25.09
N ARG A 259 -7.90 15.78 -26.11
CA ARG A 259 -7.52 15.50 -27.50
C ARG A 259 -7.86 16.66 -28.42
N PRO A 260 -7.29 17.85 -28.17
CA PRO A 260 -7.60 18.98 -29.07
C PRO A 260 -7.04 18.79 -30.47
N ASP A 261 -6.11 17.85 -30.65
CA ASP A 261 -5.61 17.44 -31.95
C ASP A 261 -6.65 16.73 -32.79
N THR A 262 -7.85 16.49 -32.27
CA THR A 262 -8.94 15.87 -33.03
C THR A 262 -10.16 16.77 -33.14
N LEU A 263 -10.02 18.06 -32.79
CA LEU A 263 -11.15 18.99 -32.82
C LEU A 263 -11.76 19.07 -34.21
N MET A 264 -10.97 18.79 -35.25
CA MET A 264 -11.49 18.75 -36.60
C MET A 264 -12.32 17.51 -36.86
N GLY A 265 -12.21 16.50 -36.01
CA GLY A 265 -12.99 15.28 -36.11
C GLY A 265 -14.27 15.28 -35.32
N ALA A 266 -14.63 16.40 -34.70
CA ALA A 266 -15.81 16.45 -33.86
C ALA A 266 -17.06 16.55 -34.74
N THR A 267 -18.06 15.71 -34.46
CA THR A 267 -19.26 15.61 -35.29
C THR A 267 -20.56 15.93 -34.55
N TYR A 268 -20.55 15.93 -33.22
CA TYR A 268 -21.63 16.46 -32.41
C TYR A 268 -21.04 16.78 -31.05
N VAL A 269 -21.87 17.33 -30.17
CA VAL A 269 -21.45 17.69 -28.81
C VAL A 269 -22.49 17.14 -27.85
N ALA A 270 -22.07 16.81 -26.64
CA ALA A 270 -22.95 16.25 -25.62
C ALA A 270 -22.92 17.11 -24.37
N VAL A 271 -24.09 17.32 -23.75
CA VAL A 271 -24.20 18.10 -22.53
C VAL A 271 -24.86 17.27 -21.43
N ALA A 272 -24.54 17.61 -20.18
CA ALA A 272 -25.19 16.95 -19.04
C ALA A 272 -26.65 17.40 -18.93
N ALA A 273 -27.45 16.53 -18.30
CA ALA A 273 -28.88 16.78 -18.14
C ALA A 273 -29.17 18.10 -17.44
N GLU A 274 -28.29 18.55 -16.53
CA GLU A 274 -28.49 19.79 -15.81
C GLU A 274 -27.86 21.00 -16.51
N HIS A 275 -27.21 20.80 -17.65
CA HIS A 275 -26.61 21.91 -18.38
C HIS A 275 -27.71 22.84 -18.92
N PRO A 276 -27.51 24.16 -18.84
CA PRO A 276 -28.57 25.10 -19.25
C PRO A 276 -29.04 24.94 -20.69
N LEU A 277 -28.25 24.34 -21.57
CA LEU A 277 -28.77 24.07 -22.91
C LEU A 277 -29.78 22.94 -22.88
N ALA A 278 -29.53 21.92 -22.07
CA ALA A 278 -30.49 20.84 -21.90
C ALA A 278 -31.82 21.36 -21.38
N THR A 279 -31.78 22.16 -20.31
CA THR A 279 -33.03 22.67 -19.76
C THR A 279 -33.70 23.65 -20.72
N ALA A 280 -32.92 24.46 -21.45
CA ALA A 280 -33.53 25.35 -22.44
C ALA A 280 -34.21 24.56 -23.55
N ALA A 281 -33.56 23.51 -24.05
CA ALA A 281 -34.16 22.74 -25.14
C ALA A 281 -35.31 21.86 -24.66
N ALA A 282 -35.26 21.42 -23.41
CA ALA A 282 -36.36 20.64 -22.83
C ALA A 282 -37.55 21.50 -22.43
N ALA A 283 -37.60 22.77 -22.83
CA ALA A 283 -38.74 23.64 -22.53
C ALA A 283 -40.04 23.10 -23.13
N ASP A 284 -40.16 23.14 -24.45
CA ASP A 284 -41.36 22.66 -25.13
C ASP A 284 -41.25 21.21 -25.55
N LYS A 285 -40.30 20.46 -24.99
CA LYS A 285 -40.03 19.08 -25.41
C LYS A 285 -40.18 18.11 -24.25
N PRO A 286 -41.34 17.43 -24.12
CA PRO A 286 -41.53 16.51 -22.99
C PRO A 286 -40.64 15.28 -23.03
N GLU A 287 -40.14 14.85 -24.19
CA GLU A 287 -39.25 13.69 -24.22
C GLU A 287 -37.87 14.03 -23.66
N LEU A 288 -37.37 15.25 -23.94
CA LEU A 288 -36.16 15.70 -23.28
C LEU A 288 -36.36 15.82 -21.78
N GLN A 289 -37.54 16.27 -21.34
CA GLN A 289 -37.85 16.30 -19.91
C GLN A 289 -37.77 14.90 -19.28
N ALA A 290 -38.31 13.89 -19.97
CA ALA A 290 -38.28 12.53 -19.44
C ALA A 290 -36.88 11.97 -19.40
N PHE A 291 -36.04 12.33 -20.38
CA PHE A 291 -34.67 11.85 -20.36
C PHE A 291 -33.87 12.50 -19.24
N ILE A 292 -34.05 13.81 -19.06
CA ILE A 292 -33.40 14.53 -17.97
C ILE A 292 -33.78 13.94 -16.62
N ALA A 293 -35.05 13.57 -16.45
CA ALA A 293 -35.51 13.01 -15.17
C ALA A 293 -34.91 11.62 -14.95
N GLU A 294 -34.89 10.78 -15.99
CA GLU A 294 -34.27 9.47 -15.87
C GLU A 294 -32.78 9.59 -15.52
N CYS A 295 -32.12 10.65 -16.00
CA CYS A 295 -30.71 10.87 -15.69
C CYS A 295 -30.52 11.14 -14.20
N LYS A 296 -31.23 12.13 -13.65
CA LYS A 296 -31.03 12.53 -12.26
C LYS A 296 -31.30 11.40 -11.27
N ALA A 297 -32.02 10.35 -11.69
CA ALA A 297 -32.37 9.24 -10.82
C ALA A 297 -31.45 8.03 -10.98
N GLY A 298 -30.42 8.12 -11.84
CA GLY A 298 -29.40 7.10 -11.91
C GLY A 298 -28.27 7.36 -10.93
N SER A 299 -27.31 6.44 -10.93
CA SER A 299 -26.18 6.49 -10.02
C SER A 299 -24.96 7.07 -10.73
N VAL A 300 -24.45 8.20 -10.22
CA VAL A 300 -23.28 8.85 -10.82
C VAL A 300 -21.97 8.17 -10.42
N ALA A 301 -22.04 7.17 -9.54
CA ALA A 301 -20.84 6.46 -9.10
C ALA A 301 -20.12 5.84 -10.30
N GLU A 302 -18.79 6.05 -10.36
CA GLU A 302 -18.01 5.59 -11.50
C GLU A 302 -18.13 4.08 -11.70
N ALA A 303 -18.43 3.34 -10.64
CA ALA A 303 -18.61 1.88 -10.77
C ALA A 303 -19.81 1.55 -11.63
N ASP A 304 -20.90 2.30 -11.48
CA ASP A 304 -22.05 2.14 -12.35
C ASP A 304 -21.83 2.75 -13.73
N MET A 305 -20.93 3.74 -13.84
CA MET A 305 -20.84 4.56 -15.06
C MET A 305 -20.30 3.76 -16.24
N ALA A 306 -19.17 3.06 -16.04
CA ALA A 306 -18.63 2.27 -17.13
C ALA A 306 -19.47 1.03 -17.42
N THR A 307 -20.26 0.58 -16.44
CA THR A 307 -21.13 -0.59 -16.60
C THR A 307 -22.57 -0.21 -16.95
N MET A 308 -22.80 1.01 -17.42
CA MET A 308 -24.12 1.48 -17.78
C MET A 308 -24.22 1.71 -19.29
N GLU A 309 -25.42 1.52 -19.82
CA GLU A 309 -25.67 1.72 -21.25
C GLU A 309 -25.74 3.23 -21.52
N LYS A 310 -24.92 3.70 -22.45
CA LYS A 310 -24.80 5.14 -22.70
C LYS A 310 -25.88 5.57 -23.67
N LYS A 311 -26.75 6.50 -23.24
CA LYS A 311 -27.90 6.92 -24.01
C LYS A 311 -27.88 8.43 -24.19
N GLY A 312 -28.67 8.90 -25.15
CA GLY A 312 -28.75 10.32 -25.42
C GLY A 312 -29.96 10.67 -26.25
N VAL A 313 -30.30 11.96 -26.24
CA VAL A 313 -31.38 12.49 -27.07
C VAL A 313 -30.90 13.75 -27.77
N PRO A 314 -31.24 13.97 -29.04
CA PRO A 314 -30.88 15.23 -29.70
C PRO A 314 -31.77 16.38 -29.21
N THR A 315 -31.18 17.58 -29.21
CA THR A 315 -31.81 18.74 -28.61
C THR A 315 -32.35 19.75 -29.62
N GLY A 316 -32.10 19.55 -30.91
CA GLY A 316 -32.44 20.56 -31.88
C GLY A 316 -31.65 21.84 -31.78
N ARG A 317 -30.72 21.94 -30.82
CA ARG A 317 -29.83 23.07 -30.68
C ARG A 317 -28.49 22.75 -31.34
N TYR A 318 -27.76 23.80 -31.72
CA TYR A 318 -26.57 23.67 -32.54
C TYR A 318 -25.49 24.65 -32.12
N VAL A 319 -24.24 24.21 -32.16
CA VAL A 319 -23.09 25.08 -31.92
C VAL A 319 -22.12 24.92 -33.08
N VAL A 320 -21.11 25.78 -33.09
CA VAL A 320 -20.22 25.90 -34.24
C VAL A 320 -18.79 25.57 -33.81
N ASN A 321 -18.15 24.69 -34.56
CA ASN A 321 -16.76 24.32 -34.32
C ASN A 321 -15.87 25.50 -34.67
N PRO A 322 -15.12 26.06 -33.71
CA PRO A 322 -14.33 27.26 -34.01
C PRO A 322 -13.17 27.03 -34.97
N LEU A 323 -12.84 25.78 -35.30
CA LEU A 323 -11.72 25.46 -36.20
C LEU A 323 -12.12 25.29 -37.65
N ASN A 324 -13.21 24.57 -37.95
CA ASN A 324 -13.62 24.36 -39.33
C ASN A 324 -14.98 24.94 -39.65
N GLY A 325 -15.62 25.62 -38.70
CA GLY A 325 -16.92 26.23 -38.93
C GLY A 325 -18.11 25.28 -38.96
N ASP A 326 -17.92 24.01 -38.60
CA ASP A 326 -19.01 23.02 -38.69
C ASP A 326 -20.11 23.33 -37.69
N LYS A 327 -21.36 23.18 -38.12
CA LYS A 327 -22.51 23.26 -37.23
C LYS A 327 -22.76 21.86 -36.68
N LEU A 328 -22.68 21.73 -35.36
CA LEU A 328 -22.82 20.45 -34.71
C LEU A 328 -24.06 20.49 -33.82
N GLU A 329 -24.84 19.42 -33.86
CA GLU A 329 -25.98 19.32 -32.96
C GLU A 329 -25.51 19.05 -31.54
N VAL A 330 -26.22 19.63 -30.58
CA VAL A 330 -26.04 19.32 -29.17
C VAL A 330 -26.95 18.16 -28.81
N TRP A 331 -26.40 17.16 -28.13
CA TRP A 331 -27.16 16.06 -27.57
C TRP A 331 -27.11 16.15 -26.05
N ILE A 332 -28.22 15.82 -25.40
CA ILE A 332 -28.18 15.47 -23.98
C ILE A 332 -27.77 14.01 -23.88
N ALA A 333 -26.82 13.70 -22.99
CA ALA A 333 -26.32 12.35 -22.84
C ALA A 333 -26.12 12.02 -21.37
N ASN A 334 -26.40 10.77 -21.00
CA ASN A 334 -26.40 10.37 -19.60
C ASN A 334 -25.00 10.13 -19.03
N TYR A 335 -23.97 10.12 -19.86
CA TYR A 335 -22.61 9.91 -19.38
C TYR A 335 -21.88 11.21 -19.07
N VAL A 336 -22.51 12.36 -19.31
CA VAL A 336 -21.88 13.65 -19.04
C VAL A 336 -22.33 14.10 -17.66
N LEU A 337 -21.38 14.34 -16.76
CA LEU A 337 -21.70 14.68 -15.38
C LEU A 337 -21.64 16.18 -15.15
N TRP A 338 -22.61 16.68 -14.39
CA TRP A 338 -22.66 18.09 -14.02
C TRP A 338 -21.91 18.30 -12.71
N GLY A 339 -21.23 19.45 -12.61
CA GLY A 339 -20.31 19.71 -11.53
C GLY A 339 -18.87 19.33 -11.81
N TYR A 340 -18.63 18.46 -12.78
CA TYR A 340 -17.27 18.04 -13.14
C TYR A 340 -16.76 18.92 -14.28
N GLY A 341 -16.46 20.16 -13.92
CA GLY A 341 -15.99 21.12 -14.91
C GLY A 341 -17.16 21.69 -15.69
N ASP A 342 -17.05 21.70 -17.01
CA ASP A 342 -18.01 22.42 -17.86
C ASP A 342 -19.35 21.69 -17.96
N GLY A 343 -19.39 20.38 -17.75
CA GLY A 343 -20.64 19.66 -17.95
C GLY A 343 -21.03 19.53 -19.41
N ALA A 344 -20.04 19.41 -20.30
CA ALA A 344 -20.25 19.29 -21.73
C ALA A 344 -18.95 18.81 -22.35
N VAL A 345 -19.05 17.97 -23.37
CA VAL A 345 -17.89 17.37 -24.00
C VAL A 345 -18.13 17.40 -25.50
N MET A 346 -17.05 17.48 -26.25
CA MET A 346 -17.20 17.23 -27.68
C MET A 346 -17.09 15.73 -27.91
N ALA A 347 -17.58 15.27 -29.04
CA ALA A 347 -17.53 13.86 -29.37
C ALA A 347 -16.85 13.68 -30.72
N VAL A 348 -15.84 12.83 -30.75
CA VAL A 348 -15.08 12.51 -31.96
C VAL A 348 -15.18 11.00 -32.14
N PRO A 349 -16.23 10.50 -32.78
CA PRO A 349 -16.45 9.04 -32.78
C PRO A 349 -15.34 8.26 -33.44
N ALA A 350 -14.63 8.86 -34.41
CA ALA A 350 -13.61 8.11 -35.12
C ALA A 350 -12.37 7.81 -34.28
N HIS A 351 -12.22 8.44 -33.10
CA HIS A 351 -10.98 8.29 -32.34
C HIS A 351 -11.18 8.15 -30.83
N ASP A 352 -12.40 7.96 -30.37
CA ASP A 352 -12.68 7.73 -28.96
C ASP A 352 -13.72 6.62 -28.87
N GLU A 353 -13.39 5.54 -28.15
CA GLU A 353 -14.20 4.32 -28.21
C GLU A 353 -15.64 4.57 -27.78
N ARG A 354 -15.82 5.23 -26.63
CA ARG A 354 -17.16 5.57 -26.16
C ARG A 354 -17.95 6.32 -27.23
N ASP A 355 -17.33 7.34 -27.83
CA ASP A 355 -18.02 8.10 -28.88
C ASP A 355 -18.32 7.24 -30.10
N PHE A 356 -17.43 6.30 -30.45
CA PHE A 356 -17.71 5.43 -31.57
C PHE A 356 -18.94 4.56 -31.32
N GLU A 357 -19.14 4.10 -30.08
CA GLU A 357 -20.28 3.25 -29.79
C GLU A 357 -21.58 4.07 -29.74
N PHE A 358 -21.52 5.24 -29.10
CA PHE A 358 -22.64 6.18 -29.11
C PHE A 358 -23.04 6.52 -30.55
N ALA A 359 -22.06 6.82 -31.39
CA ALA A 359 -22.35 7.18 -32.78
C ALA A 359 -22.79 5.97 -33.60
N ALA A 360 -22.34 4.76 -33.25
CA ALA A 360 -22.85 3.57 -33.92
C ALA A 360 -24.26 3.21 -33.46
N LYS A 361 -24.69 3.71 -32.31
CA LYS A 361 -26.05 3.48 -31.88
C LYS A 361 -27.03 4.40 -32.62
N TYR A 362 -26.70 5.69 -32.69
CA TYR A 362 -27.58 6.70 -33.25
C TYR A 362 -27.21 7.11 -34.67
N ASN A 363 -26.27 6.41 -35.30
CA ASN A 363 -25.85 6.69 -36.68
C ASN A 363 -25.43 8.15 -36.85
N LEU A 364 -24.60 8.59 -35.96
CA LEU A 364 -23.95 9.89 -36.00
C LEU A 364 -22.64 9.81 -36.78
N PRO A 365 -22.30 10.89 -37.50
CA PRO A 365 -21.13 10.86 -38.39
C PRO A 365 -19.84 10.53 -37.66
N LYS A 366 -18.94 9.88 -38.39
CA LYS A 366 -17.57 9.61 -37.96
C LYS A 366 -16.64 10.26 -38.98
N LYS A 367 -15.71 11.10 -38.50
CA LYS A 367 -14.84 11.91 -39.34
C LYS A 367 -13.39 11.67 -38.94
N GLN A 368 -12.61 11.07 -39.85
CA GLN A 368 -11.25 10.69 -39.56
C GLN A 368 -10.33 11.90 -39.61
N VAL A 369 -9.55 12.10 -38.54
CA VAL A 369 -8.54 13.14 -38.52
C VAL A 369 -7.18 12.63 -38.10
N ILE A 370 -7.03 11.32 -37.87
CA ILE A 370 -5.76 10.76 -37.43
C ILE A 370 -5.48 9.49 -38.23
N ALA A 371 -4.29 9.40 -38.81
CA ALA A 371 -3.82 8.20 -39.49
C ALA A 371 -2.62 7.65 -38.73
N VAL A 372 -2.66 6.36 -38.39
CA VAL A 372 -1.53 5.69 -37.76
C VAL A 372 -0.87 4.85 -38.85
N GLY A 373 0.15 5.43 -39.49
CA GLY A 373 0.89 4.70 -40.51
C GLY A 373 0.04 4.44 -41.75
N ASP A 374 0.10 3.19 -42.23
CA ASP A 374 -0.70 2.74 -43.36
C ASP A 374 -1.91 1.91 -42.93
N ASN A 375 -2.40 2.12 -41.71
CA ASN A 375 -3.44 1.27 -41.15
C ASN A 375 -4.80 1.53 -41.80
N ALA A 376 -5.58 0.45 -41.94
CA ALA A 376 -6.88 0.51 -42.61
C ALA A 376 -7.97 0.99 -41.64
N PHE A 377 -8.86 1.83 -42.15
CA PHE A 377 -9.91 2.44 -41.34
C PHE A 377 -11.27 2.21 -42.00
N ASP A 378 -12.03 1.25 -41.47
CA ASP A 378 -13.46 1.15 -41.75
C ASP A 378 -14.22 1.90 -40.67
N ALA A 379 -15.03 2.88 -41.08
CA ALA A 379 -15.85 3.60 -40.13
C ALA A 379 -16.86 2.71 -39.40
N ASN A 380 -16.86 1.39 -39.66
CA ASN A 380 -17.84 0.45 -39.12
C ASN A 380 -17.32 -0.33 -37.92
N ARG A 381 -16.06 -0.76 -37.95
CA ARG A 381 -15.45 -1.45 -36.82
C ARG A 381 -14.54 -0.48 -36.07
N TRP A 382 -14.51 -0.62 -34.74
CA TRP A 382 -13.54 0.10 -33.93
C TRP A 382 -12.24 -0.68 -33.88
N GLN A 383 -11.12 0.05 -33.77
CA GLN A 383 -9.80 -0.58 -33.70
C GLN A 383 -8.98 0.10 -32.60
N GLU A 384 -8.15 -0.71 -31.93
CA GLU A 384 -7.33 -0.20 -30.82
C GLU A 384 -6.53 1.02 -31.24
N TRP A 385 -6.02 1.04 -32.47
CA TRP A 385 -5.16 2.12 -32.93
C TRP A 385 -5.93 3.40 -33.28
N TYR A 386 -7.26 3.34 -33.38
CA TYR A 386 -8.04 4.55 -33.62
C TYR A 386 -7.78 5.62 -32.56
N GLY A 387 -7.53 5.21 -31.32
CA GLY A 387 -7.23 6.14 -30.25
C GLY A 387 -5.75 6.35 -29.99
N ASP A 388 -4.89 5.81 -30.84
CA ASP A 388 -3.44 5.92 -30.62
C ASP A 388 -3.02 7.39 -30.62
N LYS A 389 -2.41 7.80 -29.51
CA LYS A 389 -2.00 9.18 -29.36
C LYS A 389 -0.52 9.40 -29.65
N GLU A 390 0.28 8.34 -29.66
CA GLU A 390 1.72 8.51 -29.74
C GLU A 390 2.31 8.24 -31.12
N ASN A 391 1.58 7.54 -32.00
CA ASN A 391 2.12 7.18 -33.31
C ASN A 391 1.23 7.62 -34.46
N GLY A 392 0.31 8.55 -34.21
CA GLY A 392 -0.58 9.03 -35.24
C GLY A 392 -0.14 10.39 -35.79
N VAL A 393 -0.75 10.76 -36.90
CA VAL A 393 -0.50 12.06 -37.51
C VAL A 393 -1.80 12.54 -38.17
N LEU A 394 -1.98 13.86 -38.21
CA LEU A 394 -3.27 14.45 -38.54
C LEU A 394 -3.56 14.41 -40.04
N VAL A 395 -4.78 14.01 -40.39
CA VAL A 395 -5.30 14.02 -41.75
C VAL A 395 -6.61 14.80 -41.76
N ASN A 396 -6.98 15.28 -42.94
CA ASN A 396 -8.23 16.03 -43.12
C ASN A 396 -8.33 17.19 -42.12
N SER A 397 -7.23 17.89 -41.91
CA SER A 397 -7.26 18.97 -40.93
C SER A 397 -6.64 20.27 -41.47
N GLY A 398 -6.56 20.43 -42.79
CA GLY A 398 -6.12 21.69 -43.36
C GLY A 398 -4.73 22.08 -42.92
N ASP A 399 -4.62 23.27 -42.30
CA ASP A 399 -3.34 23.77 -41.80
C ASP A 399 -2.59 22.73 -40.97
N LEU A 400 -3.30 21.94 -40.19
CA LEU A 400 -2.67 21.03 -39.23
C LEU A 400 -2.35 19.66 -39.82
N ASP A 401 -2.60 19.45 -41.12
CA ASP A 401 -2.25 18.20 -41.78
C ASP A 401 -0.78 17.86 -41.55
N GLY A 402 -0.52 16.68 -41.01
CA GLY A 402 0.84 16.16 -40.96
C GLY A 402 1.56 16.27 -39.64
N LEU A 403 0.93 16.84 -38.61
CA LEU A 403 1.58 17.00 -37.32
C LEU A 403 1.26 15.84 -36.39
N ASP A 404 2.18 15.55 -35.48
CA ASP A 404 1.96 14.55 -34.46
C ASP A 404 1.13 15.14 -33.33
N PHE A 405 0.91 14.35 -32.28
CA PHE A 405 -0.02 14.76 -31.23
C PHE A 405 0.41 16.07 -30.57
N GLN A 406 1.65 16.13 -30.10
CA GLN A 406 2.06 17.29 -29.32
C GLN A 406 2.14 18.54 -30.18
N THR A 407 2.58 18.40 -31.43
CA THR A 407 2.66 19.57 -32.30
C THR A 407 1.26 20.10 -32.63
N ALA A 408 0.32 19.20 -32.94
CA ALA A 408 -1.03 19.67 -33.23
C ALA A 408 -1.68 20.27 -31.98
N PHE A 409 -1.39 19.69 -30.82
CA PHE A 409 -1.89 20.24 -29.57
C PHE A 409 -1.48 21.68 -29.41
N ASP A 410 -0.18 21.96 -29.62
CA ASP A 410 0.34 23.33 -29.47
C ASP A 410 -0.16 24.23 -30.57
N ALA A 411 -0.35 23.70 -31.78
CA ALA A 411 -0.88 24.51 -32.87
C ALA A 411 -2.37 24.84 -32.65
N VAL A 412 -3.16 23.87 -32.20
CA VAL A 412 -4.55 24.18 -31.88
C VAL A 412 -4.63 25.19 -30.74
N ALA A 413 -3.77 25.04 -29.72
CA ALA A 413 -3.70 26.06 -28.66
C ALA A 413 -3.46 27.45 -29.25
N ALA A 414 -2.53 27.55 -30.19
CA ALA A 414 -2.19 28.85 -30.74
C ALA A 414 -3.35 29.42 -31.54
N LYS A 415 -3.94 28.60 -32.42
CA LYS A 415 -5.08 29.04 -33.21
C LYS A 415 -6.28 29.44 -32.32
N LEU A 416 -6.58 28.64 -31.29
CA LEU A 416 -7.75 28.92 -30.45
C LEU A 416 -7.56 30.18 -29.61
N GLN A 417 -6.36 30.35 -29.04
CA GLN A 417 -6.11 31.57 -28.30
C GLN A 417 -6.13 32.79 -29.21
N SER A 418 -5.65 32.65 -30.45
CA SER A 418 -5.69 33.78 -31.37
C SER A 418 -7.12 34.21 -31.63
N GLN A 419 -8.06 33.28 -31.54
CA GLN A 419 -9.47 33.59 -31.80
C GLN A 419 -10.25 33.77 -30.50
N GLY A 420 -9.60 33.73 -29.35
CA GLY A 420 -10.27 33.82 -28.07
C GLY A 420 -11.23 32.68 -27.75
N ALA A 421 -11.10 31.58 -28.52
CA ALA A 421 -12.01 30.45 -28.49
C ALA A 421 -11.52 29.27 -27.64
N GLY A 422 -10.35 29.38 -27.03
CA GLY A 422 -9.92 28.34 -26.10
C GLY A 422 -8.53 28.64 -25.59
N GLU A 423 -8.08 27.77 -24.68
CA GLU A 423 -6.80 27.95 -23.99
C GLU A 423 -6.41 26.65 -23.31
N PRO A 424 -5.11 26.41 -23.12
CA PRO A 424 -4.69 25.22 -22.37
C PRO A 424 -5.24 25.24 -20.95
N LYS A 425 -5.46 24.04 -20.41
CA LYS A 425 -5.98 23.91 -19.06
C LYS A 425 -5.60 22.55 -18.50
N THR A 426 -5.18 22.55 -17.25
CA THR A 426 -4.87 21.32 -16.51
C THR A 426 -6.05 20.99 -15.61
N GLN A 427 -6.49 19.74 -15.65
CA GLN A 427 -7.52 19.28 -14.73
C GLN A 427 -7.02 18.03 -14.01
N TYR A 428 -7.70 17.66 -12.92
CA TYR A 428 -7.41 16.45 -12.16
C TYR A 428 -8.73 15.76 -11.82
N ARG A 429 -8.74 14.43 -11.86
CA ARG A 429 -9.93 13.71 -11.39
C ARG A 429 -10.04 13.76 -9.87
N LEU A 430 -8.94 14.03 -9.16
CA LEU A 430 -8.96 14.19 -7.71
C LEU A 430 -10.03 15.21 -7.28
N ARG A 431 -10.86 14.81 -6.31
CA ARG A 431 -11.83 15.71 -5.69
C ARG A 431 -11.41 16.00 -4.25
N ASP A 432 -12.01 17.02 -3.65
CA ASP A 432 -11.67 17.37 -2.27
C ASP A 432 -12.14 16.27 -1.31
N TRP A 433 -11.54 16.23 -0.14
CA TRP A 433 -11.71 15.12 0.80
C TRP A 433 -12.79 15.50 1.82
N GLY A 434 -13.94 14.81 1.75
CA GLY A 434 -15.06 15.06 2.63
C GLY A 434 -14.88 14.42 3.99
N ILE A 435 -14.82 15.25 5.06
CA ILE A 435 -14.49 14.82 6.42
C ILE A 435 -15.73 14.40 7.23
N SER A 436 -16.87 15.03 6.97
CA SER A 436 -18.04 14.89 7.83
C SER A 436 -18.63 13.50 7.75
N ARG A 437 -18.93 12.95 8.92
CA ARG A 437 -19.63 11.68 9.04
C ARG A 437 -20.74 11.89 10.05
N GLN A 438 -21.94 11.45 9.69
CA GLN A 438 -23.07 11.56 10.59
C GLN A 438 -23.13 10.30 11.46
N ARG A 439 -22.07 10.14 12.26
CA ARG A 439 -21.87 8.97 13.10
C ARG A 439 -21.38 9.42 14.47
N TYR A 440 -21.65 8.59 15.48
CA TYR A 440 -21.27 8.92 16.84
C TYR A 440 -19.80 8.61 17.12
N TRP A 441 -19.36 7.39 16.79
CA TRP A 441 -18.08 6.87 17.28
C TRP A 441 -16.95 7.34 16.36
N GLY A 442 -16.54 8.60 16.58
CA GLY A 442 -15.52 9.24 15.79
C GLY A 442 -15.12 10.55 16.44
N CYS A 443 -14.02 11.10 15.94
CA CYS A 443 -13.50 12.34 16.50
C CYS A 443 -14.47 13.50 16.28
N PRO A 444 -14.88 14.22 17.34
CA PRO A 444 -15.74 15.39 17.15
C PRO A 444 -15.06 16.48 16.33
N ILE A 445 -15.84 17.13 15.48
CA ILE A 445 -15.37 18.24 14.65
C ILE A 445 -15.36 19.52 15.49
N PRO A 446 -14.20 20.17 15.66
CA PRO A 446 -14.06 21.27 16.65
C PRO A 446 -14.61 22.60 16.15
N ILE A 447 -15.91 22.63 15.89
CA ILE A 447 -16.58 23.81 15.38
C ILE A 447 -17.80 24.11 16.25
N VAL A 448 -18.01 25.38 16.54
CA VAL A 448 -19.19 25.85 17.25
C VAL A 448 -19.99 26.76 16.31
N HIS A 449 -21.31 26.57 16.31
CA HIS A 449 -22.20 27.32 15.43
C HIS A 449 -22.87 28.43 16.22
N CYS A 450 -22.56 29.67 15.88
CA CYS A 450 -23.11 30.82 16.58
C CYS A 450 -23.94 31.65 15.60
N GLU A 451 -25.13 32.06 16.04
CA GLU A 451 -26.03 32.79 15.14
C GLU A 451 -25.45 34.13 14.72
N LYS A 452 -24.55 34.71 15.52
CA LYS A 452 -23.93 35.98 15.17
C LYS A 452 -22.53 35.81 14.60
N CYS A 453 -21.77 34.84 15.06
CA CYS A 453 -20.42 34.68 14.57
C CYS A 453 -20.29 33.70 13.41
N GLY A 454 -21.23 32.76 13.26
CA GLY A 454 -21.11 31.74 12.22
C GLY A 454 -20.48 30.43 12.67
N ASN A 455 -19.67 29.83 11.81
CA ASN A 455 -18.96 28.59 12.12
C ASN A 455 -17.59 28.95 12.68
N VAL A 456 -17.45 28.79 13.98
CA VAL A 456 -16.30 29.28 14.75
C VAL A 456 -15.46 28.08 15.18
N PRO A 457 -14.16 28.10 14.98
CA PRO A 457 -13.33 27.00 15.47
C PRO A 457 -13.14 27.11 16.96
N VAL A 458 -12.99 25.96 17.60
CA VAL A 458 -12.75 25.96 19.05
C VAL A 458 -11.31 26.39 19.31
N PRO A 459 -11.07 27.37 20.19
CA PRO A 459 -9.68 27.78 20.49
C PRO A 459 -8.85 26.62 21.00
N ALA A 460 -7.53 26.70 20.74
CA ALA A 460 -6.65 25.58 21.04
C ALA A 460 -6.63 25.27 22.54
N ASP A 461 -6.79 26.31 23.38
CA ASP A 461 -6.81 26.11 24.83
C ASP A 461 -7.99 25.25 25.27
N GLN A 462 -9.06 25.23 24.48
CA GLN A 462 -10.30 24.54 24.82
C GLN A 462 -10.39 23.17 24.19
N LEU A 463 -9.29 22.72 23.48
CA LEU A 463 -9.26 21.40 22.88
C LEU A 463 -8.66 20.41 23.88
N PRO A 464 -9.13 19.15 23.87
CA PRO A 464 -10.08 18.60 22.89
C PRO A 464 -11.54 18.94 23.16
N VAL A 465 -12.34 18.89 22.10
CA VAL A 465 -13.79 18.71 22.23
C VAL A 465 -14.00 17.22 22.51
N VAL A 466 -14.45 16.90 23.72
CA VAL A 466 -14.39 15.52 24.20
C VAL A 466 -15.62 14.75 23.73
N LEU A 467 -15.41 13.59 23.13
CA LEU A 467 -16.54 12.73 22.79
C LEU A 467 -17.04 12.02 24.03
N PRO A 468 -18.31 12.16 24.40
CA PRO A 468 -18.83 11.41 25.56
C PRO A 468 -18.83 9.92 25.28
N GLU A 469 -18.30 9.14 26.23
CA GLU A 469 -18.16 7.71 26.01
C GLU A 469 -19.33 6.89 26.51
N ASN A 470 -20.16 7.44 27.41
CA ASN A 470 -21.30 6.70 27.94
C ASN A 470 -22.50 6.85 27.02
N VAL A 471 -22.37 6.24 25.84
CA VAL A 471 -23.38 6.36 24.79
C VAL A 471 -23.59 4.99 24.16
N VAL A 472 -24.84 4.61 23.96
CA VAL A 472 -25.21 3.40 23.23
C VAL A 472 -26.03 3.81 22.01
N PRO A 473 -25.41 3.93 20.84
CA PRO A 473 -26.17 4.26 19.64
C PRO A 473 -27.07 3.11 19.23
N ASP A 474 -28.08 3.44 18.39
CA ASP A 474 -29.01 2.43 17.91
C ASP A 474 -29.41 2.65 16.45
N GLY A 475 -28.59 3.36 15.67
CA GLY A 475 -28.89 3.57 14.27
C GLY A 475 -30.05 4.48 13.98
N MET A 476 -30.73 5.00 15.01
CA MET A 476 -31.82 5.97 14.83
C MET A 476 -31.31 7.40 14.67
N GLY A 477 -30.24 7.61 13.90
CA GLY A 477 -29.60 8.91 13.75
C GLY A 477 -28.53 9.15 14.80
N SER A 478 -27.76 10.22 14.58
CA SER A 478 -26.59 10.50 15.43
C SER A 478 -27.00 10.83 16.85
N PRO A 479 -26.53 10.08 17.86
CA PRO A 479 -26.91 10.39 19.25
C PRO A 479 -26.35 11.72 19.75
N LEU A 480 -25.24 12.20 19.19
CA LEU A 480 -24.72 13.50 19.57
C LEU A 480 -25.74 14.60 19.33
N ALA A 481 -26.53 14.49 18.25
CA ALA A 481 -27.57 15.49 17.98
C ALA A 481 -28.77 15.40 18.92
N LYS A 482 -28.81 14.40 19.80
CA LYS A 482 -29.88 14.28 20.79
C LYS A 482 -29.39 14.53 22.21
N MET A 483 -28.12 14.93 22.38
CA MET A 483 -27.51 15.14 23.68
C MET A 483 -27.23 16.63 23.91
N PRO A 484 -28.21 17.39 24.42
CA PRO A 484 -27.96 18.82 24.67
C PRO A 484 -26.79 19.07 25.59
N GLU A 485 -26.49 18.14 26.50
CA GLU A 485 -25.34 18.32 27.37
C GLU A 485 -24.02 18.19 26.62
N PHE A 486 -24.05 17.69 25.40
CA PHE A 486 -22.91 17.81 24.48
C PHE A 486 -23.03 19.04 23.57
N TYR A 487 -24.16 19.20 22.86
CA TYR A 487 -24.14 20.18 21.77
C TYR A 487 -24.40 21.62 22.24
N GLU A 488 -25.01 21.80 23.41
CA GLU A 488 -25.25 23.14 23.95
C GLU A 488 -23.97 23.70 24.57
N THR A 489 -23.54 24.86 24.10
CA THR A 489 -22.30 25.43 24.57
C THR A 489 -22.40 26.95 24.44
N SER A 490 -21.31 27.64 24.73
CA SER A 490 -21.26 29.08 24.55
C SER A 490 -20.32 29.39 23.39
N CYS A 491 -20.50 30.55 22.76
CA CYS A 491 -19.69 30.87 21.58
C CYS A 491 -18.29 31.29 22.02
N PRO A 492 -17.24 30.67 21.48
CA PRO A 492 -15.88 31.06 21.89
C PRO A 492 -15.49 32.48 21.47
N CYS A 493 -16.25 33.12 20.58
CA CYS A 493 -15.95 34.45 20.05
C CYS A 493 -16.72 35.56 20.74
N CYS A 494 -18.01 35.36 20.97
CA CYS A 494 -18.85 36.38 21.59
C CYS A 494 -19.42 35.98 22.93
N GLY A 495 -19.33 34.71 23.32
CA GLY A 495 -19.82 34.26 24.61
C GLY A 495 -21.29 33.91 24.67
N GLY A 496 -22.04 34.09 23.58
CA GLY A 496 -23.46 33.82 23.58
C GLY A 496 -23.75 32.34 23.43
N ALA A 497 -25.04 32.00 23.49
CA ALA A 497 -25.47 30.62 23.35
C ALA A 497 -25.21 30.13 21.93
N ALA A 498 -24.68 28.91 21.81
CA ALA A 498 -24.35 28.36 20.51
C ALA A 498 -24.42 26.84 20.59
N LYS A 499 -24.12 26.17 19.48
CA LYS A 499 -24.31 24.74 19.34
C LYS A 499 -23.08 24.12 18.69
N ARG A 500 -22.59 23.05 19.29
CA ARG A 500 -21.48 22.30 18.73
C ARG A 500 -21.90 21.59 17.45
N GLU A 501 -20.99 21.52 16.50
CA GLU A 501 -21.11 20.57 15.41
C GLU A 501 -21.23 19.15 16.00
N THR A 502 -22.17 18.36 15.49
CA THR A 502 -22.38 17.01 16.00
C THR A 502 -21.88 15.91 15.07
N ASP A 503 -21.53 16.25 13.83
CA ASP A 503 -20.84 15.29 12.97
C ASP A 503 -19.43 15.02 13.49
N THR A 504 -18.92 13.85 13.17
CA THR A 504 -17.56 13.44 13.52
C THR A 504 -16.76 13.19 12.26
N MET A 505 -15.45 13.00 12.45
CA MET A 505 -14.50 12.95 11.34
C MET A 505 -14.39 11.55 10.74
N ASP A 506 -14.32 11.50 9.40
CA ASP A 506 -13.78 10.35 8.68
C ASP A 506 -12.62 9.73 9.45
N THR A 507 -12.72 8.43 9.75
CA THR A 507 -11.69 7.78 10.56
C THR A 507 -10.37 7.57 9.82
N PHE A 508 -10.33 7.83 8.50
CA PHE A 508 -9.04 7.89 7.81
C PHE A 508 -8.14 8.97 8.39
N ILE A 509 -8.73 9.99 9.02
CA ILE A 509 -7.93 11.06 9.60
C ILE A 509 -6.99 10.53 10.68
N GLU A 510 -7.45 9.59 11.52
CA GLU A 510 -6.56 9.07 12.55
C GLU A 510 -5.37 8.32 11.95
N SER A 511 -5.61 7.49 10.94
CA SER A 511 -4.51 6.76 10.33
C SER A 511 -3.65 7.61 9.41
N SER A 512 -3.96 8.91 9.23
CA SER A 512 -3.17 9.76 8.35
C SER A 512 -1.97 10.41 9.04
N TRP A 513 -1.86 10.30 10.36
CA TRP A 513 -0.71 10.90 11.05
C TRP A 513 -0.24 10.07 12.25
N TYR A 514 -0.80 8.87 12.48
CA TYR A 514 -0.43 8.12 13.68
C TYR A 514 1.06 7.76 13.70
N PHE A 515 1.68 7.66 12.52
CA PHE A 515 3.10 7.33 12.45
C PHE A 515 3.98 8.46 12.97
N PHE A 516 3.50 9.71 12.97
CA PHE A 516 4.22 10.76 13.69
C PHE A 516 3.94 10.72 15.18
N ARG A 517 2.71 10.35 15.58
CA ARG A 517 2.40 10.36 17.00
C ARG A 517 3.25 9.35 17.76
N TYR A 518 3.59 8.23 17.12
CA TYR A 518 4.42 7.23 17.78
C TYR A 518 5.80 7.79 18.15
N MET A 519 6.27 8.84 17.47
CA MET A 519 7.57 9.41 17.81
C MET A 519 7.58 10.09 19.18
N SER A 520 6.42 10.62 19.63
CA SER A 520 6.29 11.22 20.97
C SER A 520 4.85 11.09 21.43
N PRO A 521 4.41 9.88 21.75
CA PRO A 521 2.98 9.64 22.00
C PRO A 521 2.45 10.27 23.29
N LYS A 522 3.30 10.89 24.11
CA LYS A 522 2.87 11.56 25.33
C LYS A 522 3.07 13.06 25.28
N PHE A 523 3.56 13.60 24.17
CA PHE A 523 3.75 15.04 24.02
C PHE A 523 2.42 15.78 24.16
N SER A 524 2.38 16.72 25.11
CA SER A 524 1.16 17.45 25.46
C SER A 524 1.04 18.80 24.78
N ASP A 525 2.08 19.27 24.09
CA ASP A 525 2.12 20.60 23.50
C ASP A 525 2.02 20.60 21.99
N GLY A 526 1.80 19.46 21.35
CA GLY A 526 1.70 19.43 19.90
C GLY A 526 1.47 18.03 19.40
N MET A 527 1.22 17.94 18.07
CA MET A 527 1.03 16.64 17.46
C MET A 527 2.25 15.74 17.66
N VAL A 528 3.45 16.31 17.57
CA VAL A 528 4.71 15.57 17.68
C VAL A 528 5.78 16.57 18.06
N SER A 529 6.64 16.19 19.00
CA SER A 529 7.66 17.13 19.45
C SER A 529 8.70 17.36 18.36
N ALA A 530 9.31 18.54 18.39
CA ALA A 530 10.33 18.86 17.39
C ALA A 530 11.52 17.93 17.52
N GLU A 531 11.95 17.67 18.76
CA GLU A 531 13.14 16.85 18.94
C GLU A 531 12.92 15.45 18.39
N SER A 532 11.74 14.87 18.65
CA SER A 532 11.58 13.48 18.24
C SER A 532 11.32 13.36 16.75
N ALA A 533 10.59 14.32 16.17
CA ALA A 533 10.41 14.33 14.73
C ALA A 533 11.75 14.46 14.01
N LYS A 534 12.66 15.25 14.57
CA LYS A 534 13.98 15.39 13.95
C LYS A 534 14.76 14.09 14.03
N TYR A 535 14.69 13.38 15.16
CA TYR A 535 15.44 12.14 15.32
C TYR A 535 14.93 11.06 14.38
N TRP A 536 13.63 10.77 14.43
CA TRP A 536 13.10 9.59 13.75
C TRP A 536 12.87 9.82 12.26
N GLY A 537 12.75 11.07 11.82
CA GLY A 537 12.65 11.37 10.41
C GLY A 537 11.41 10.79 9.76
N ALA A 538 11.58 9.91 8.79
CA ALA A 538 10.47 9.26 8.13
C ALA A 538 10.43 7.79 8.52
N VAL A 539 9.29 7.16 8.25
CA VAL A 539 9.18 5.72 8.42
C VAL A 539 10.11 5.05 7.42
N ASP A 540 11.07 4.26 7.92
CA ASP A 540 12.00 3.56 7.01
C ASP A 540 11.31 2.44 6.23
N GLN A 541 10.36 1.75 6.86
CA GLN A 541 9.75 0.57 6.26
C GLN A 541 8.31 0.47 6.74
N TYR A 542 7.37 0.42 5.79
CA TYR A 542 5.94 0.33 6.02
C TYR A 542 5.44 -0.98 5.43
N ILE A 543 4.61 -1.70 6.18
CA ILE A 543 4.13 -3.02 5.76
C ILE A 543 2.62 -3.06 5.94
N GLY A 544 1.89 -3.26 4.85
CA GLY A 544 0.44 -3.34 4.90
C GLY A 544 -0.11 -3.84 3.59
N GLY A 545 -1.40 -4.24 3.61
CA GLY A 545 -2.02 -4.82 2.43
C GLY A 545 -2.32 -3.79 1.33
N ILE A 546 -2.46 -4.31 0.10
CA ILE A 546 -2.68 -3.46 -1.07
C ILE A 546 -4.03 -2.73 -1.06
N GLU A 547 -4.98 -3.14 -0.20
CA GLU A 547 -6.27 -2.45 -0.12
C GLU A 547 -6.14 -1.02 0.38
N HIS A 548 -5.01 -0.64 0.99
CA HIS A 548 -4.81 0.72 1.45
C HIS A 548 -3.83 1.50 0.58
N ALA A 549 -3.51 0.97 -0.60
CA ALA A 549 -2.51 1.58 -1.47
C ALA A 549 -2.97 2.91 -2.08
N ILE A 550 -4.26 3.22 -2.06
CA ILE A 550 -4.74 4.46 -2.66
C ILE A 550 -5.10 5.50 -1.60
N LEU A 551 -6.27 5.36 -0.98
CA LEU A 551 -6.77 6.40 -0.08
C LEU A 551 -5.86 6.57 1.14
N HIS A 552 -5.71 5.52 1.95
CA HIS A 552 -4.89 5.64 3.16
C HIS A 552 -3.53 6.24 2.84
N LEU A 553 -2.86 5.71 1.82
CA LEU A 553 -1.51 6.19 1.55
C LEU A 553 -1.53 7.64 1.04
N LEU A 554 -2.48 7.97 0.18
CA LEU A 554 -2.58 9.34 -0.30
C LEU A 554 -2.88 10.31 0.84
N TYR A 555 -3.78 9.92 1.75
CA TYR A 555 -4.13 10.76 2.90
C TYR A 555 -2.93 11.01 3.80
N ALA A 556 -2.15 9.95 4.08
CA ALA A 556 -0.95 10.07 4.92
C ALA A 556 0.10 10.98 4.30
N ARG A 557 0.33 10.85 3.00
CA ARG A 557 1.25 11.76 2.32
C ARG A 557 0.75 13.19 2.36
N PHE A 558 -0.57 13.38 2.22
CA PHE A 558 -1.15 14.72 2.30
C PHE A 558 -0.94 15.33 3.68
N PHE A 559 -1.33 14.61 4.73
CA PHE A 559 -1.12 15.10 6.09
C PHE A 559 0.35 15.42 6.35
N THR A 560 1.27 14.61 5.82
CA THR A 560 2.69 14.86 6.03
C THR A 560 3.06 16.23 5.47
N LYS A 561 2.59 16.52 4.25
CA LYS A 561 2.89 17.82 3.66
C LYS A 561 2.24 18.94 4.46
N LEU A 562 0.98 18.75 4.88
CA LEU A 562 0.28 19.75 5.70
C LEU A 562 1.02 20.00 7.00
N MET A 563 1.44 18.92 7.66
CA MET A 563 2.19 19.07 8.90
C MET A 563 3.53 19.73 8.65
N ARG A 564 4.21 19.33 7.56
CA ARG A 564 5.46 19.97 7.19
C ARG A 564 5.24 21.46 6.95
N ASP A 565 4.16 21.80 6.23
CA ASP A 565 3.83 23.20 5.99
C ASP A 565 3.51 23.94 7.29
N GLU A 566 3.02 23.23 8.31
CA GLU A 566 2.78 23.87 9.59
C GLU A 566 4.05 24.00 10.42
N GLY A 567 5.19 23.50 9.94
CA GLY A 567 6.40 23.54 10.73
C GLY A 567 6.53 22.46 11.78
N LEU A 568 5.79 21.35 11.68
CA LEU A 568 5.86 20.31 12.70
C LEU A 568 6.83 19.19 12.38
N VAL A 569 7.09 18.90 11.10
CA VAL A 569 8.02 17.88 10.67
C VAL A 569 8.79 18.43 9.47
N ASN A 570 9.85 17.74 9.08
CA ASN A 570 10.70 18.26 8.01
C ASN A 570 10.98 17.22 6.95
N VAL A 571 10.07 16.27 6.79
CA VAL A 571 10.12 15.35 5.66
C VAL A 571 8.98 15.72 4.73
N ASP A 572 9.20 15.48 3.44
CA ASP A 572 8.14 15.60 2.45
C ASP A 572 7.29 14.34 2.35
N GLU A 573 7.84 13.17 2.72
CA GLU A 573 7.15 11.92 2.49
C GLU A 573 7.22 11.05 3.73
N PRO A 574 6.10 10.43 4.11
CA PRO A 574 6.07 9.65 5.36
C PRO A 574 6.80 8.32 5.31
N PHE A 575 6.75 7.59 4.19
CA PHE A 575 7.19 6.20 4.11
C PHE A 575 8.25 6.03 3.03
N GLU A 576 9.46 5.62 3.42
CA GLU A 576 10.54 5.46 2.45
C GLU A 576 10.39 4.17 1.64
N ARG A 577 10.13 3.05 2.30
CA ARG A 577 9.91 1.78 1.63
C ARG A 577 8.56 1.23 2.01
N LEU A 578 8.01 0.40 1.14
CA LEU A 578 6.68 -0.13 1.35
C LEU A 578 6.71 -1.58 0.94
N LEU A 579 6.20 -2.47 1.81
CA LEU A 579 6.07 -3.90 1.53
C LEU A 579 4.59 -4.24 1.60
N THR A 580 4.07 -4.77 0.51
CA THR A 580 2.66 -5.13 0.37
C THR A 580 2.56 -6.64 0.56
N GLN A 581 2.27 -7.08 1.78
CA GLN A 581 2.24 -8.53 2.04
C GLN A 581 1.05 -9.16 1.33
N GLY A 582 1.23 -10.41 0.91
CA GLY A 582 0.14 -11.19 0.37
C GLY A 582 -0.89 -11.56 1.42
N MET A 583 -2.08 -11.97 0.96
CA MET A 583 -3.14 -12.36 1.89
C MET A 583 -2.95 -13.80 2.35
N VAL A 584 -3.19 -14.04 3.63
CA VAL A 584 -3.40 -15.41 4.08
C VAL A 584 -4.83 -15.80 3.75
N VAL A 585 -5.01 -16.94 3.08
CA VAL A 585 -6.32 -17.42 2.70
C VAL A 585 -6.59 -18.74 3.41
N CYS A 586 -7.87 -19.08 3.55
CA CYS A 586 -8.29 -20.27 4.30
C CYS A 586 -9.64 -20.75 3.81
N GLU A 587 -9.83 -22.08 3.86
CA GLU A 587 -11.10 -22.68 3.50
C GLU A 587 -12.21 -22.24 4.47
N THR A 588 -13.42 -22.07 3.91
CA THR A 588 -14.61 -21.63 4.64
C THR A 588 -15.61 -22.77 4.76
N TYR A 589 -16.62 -22.58 5.62
CA TYR A 589 -17.59 -23.62 5.95
C TYR A 589 -18.89 -22.98 6.45
N TYR A 590 -20.02 -23.59 6.12
CA TYR A 590 -21.30 -23.21 6.72
C TYR A 590 -22.16 -24.40 7.12
N ASP A 599 -25.11 -18.64 7.76
CA ASP A 599 -24.58 -19.28 8.95
C ASP A 599 -23.17 -19.83 8.70
N TRP A 600 -22.15 -19.01 8.99
CA TRP A 600 -20.75 -19.28 8.62
C TRP A 600 -19.98 -19.84 9.81
N ILE A 601 -19.39 -21.04 9.66
CA ILE A 601 -18.74 -21.76 10.75
C ILE A 601 -17.23 -21.58 10.67
N ASN A 602 -16.60 -21.45 11.84
CA ASN A 602 -15.15 -21.25 11.93
C ASN A 602 -14.41 -22.58 11.77
N PRO A 603 -13.25 -22.56 11.10
CA PRO A 603 -12.49 -23.82 10.92
C PRO A 603 -12.06 -24.50 12.20
N ALA A 604 -11.77 -23.76 13.28
CA ALA A 604 -11.33 -24.37 14.52
C ALA A 604 -12.43 -25.14 15.22
N ASP A 605 -13.68 -25.02 14.78
CA ASP A 605 -14.82 -25.70 15.39
C ASP A 605 -15.41 -26.78 14.48
N VAL A 606 -14.71 -27.16 13.41
CA VAL A 606 -15.21 -28.16 12.47
C VAL A 606 -14.22 -29.32 12.40
N GLU A 607 -14.71 -30.46 11.90
CA GLU A 607 -13.85 -31.63 11.69
C GLU A 607 -14.28 -32.37 10.42
N LEU A 608 -13.30 -32.88 9.68
CA LEU A 608 -13.54 -33.70 8.49
C LEU A 608 -12.54 -34.86 8.40
N ASP A 624 -21.70 -29.86 17.10
CA ASP A 624 -23.01 -30.49 17.16
C ASP A 624 -22.90 -31.95 16.76
N GLY A 625 -21.71 -32.36 16.32
CA GLY A 625 -21.52 -33.68 15.76
C GLY A 625 -22.04 -33.86 14.35
N LEU A 626 -22.92 -32.96 13.88
CA LEU A 626 -23.44 -32.99 12.52
C LEU A 626 -22.43 -32.34 11.56
N PRO A 627 -22.42 -32.77 10.29
CA PRO A 627 -21.46 -32.22 9.33
C PRO A 627 -21.82 -30.80 8.94
N VAL A 628 -20.86 -30.16 8.26
CA VAL A 628 -21.10 -28.86 7.64
C VAL A 628 -20.78 -29.00 6.16
N VAL A 629 -21.00 -27.93 5.39
CA VAL A 629 -20.73 -27.95 3.95
C VAL A 629 -19.47 -27.13 3.69
N ILE A 630 -18.47 -27.76 3.11
CA ILE A 630 -17.15 -27.16 2.91
C ILE A 630 -17.17 -26.33 1.62
N SER A 631 -17.00 -25.02 1.77
CA SER A 631 -17.08 -24.06 0.67
C SER A 631 -15.68 -23.63 0.22
N GLY A 632 -15.57 -22.44 -0.40
CA GLY A 632 -14.35 -22.05 -1.08
C GLY A 632 -13.29 -21.47 -0.17
N THR A 633 -12.09 -21.35 -0.71
CA THR A 633 -10.91 -20.83 0.00
C THR A 633 -10.75 -19.35 -0.33
N GLU A 634 -10.79 -18.50 0.70
CA GLU A 634 -10.79 -17.04 0.55
C GLU A 634 -9.88 -16.40 1.58
N LYS A 635 -9.63 -15.10 1.39
CA LYS A 635 -8.92 -14.28 2.37
C LYS A 635 -9.47 -14.51 3.78
N MET A 636 -8.56 -14.75 4.72
CA MET A 636 -8.93 -14.91 6.12
C MET A 636 -9.53 -13.61 6.64
N SER A 637 -10.72 -13.69 7.24
CA SER A 637 -11.42 -12.50 7.72
C SER A 637 -12.64 -12.92 8.52
N LYS A 638 -13.17 -11.98 9.31
CA LYS A 638 -14.37 -12.24 10.10
C LYS A 638 -15.62 -12.28 9.24
N SER A 639 -15.55 -11.78 8.01
CA SER A 639 -16.71 -11.75 7.12
C SER A 639 -17.26 -13.15 6.85
N LYS A 640 -16.38 -14.10 6.54
CA LYS A 640 -16.77 -15.49 6.36
C LYS A 640 -16.37 -16.37 7.55
N ASN A 641 -15.97 -15.73 8.66
CA ASN A 641 -15.61 -16.40 9.91
C ASN A 641 -14.58 -17.53 9.70
N ASN A 642 -13.53 -17.24 8.93
CA ASN A 642 -12.50 -18.24 8.69
C ASN A 642 -11.14 -17.77 9.19
N GLY A 643 -11.15 -16.90 10.20
CA GLY A 643 -9.92 -16.47 10.85
C GLY A 643 -9.43 -17.50 11.85
N VAL A 644 -8.19 -17.95 11.69
CA VAL A 644 -7.58 -18.82 12.68
C VAL A 644 -7.01 -17.93 13.78
N ASP A 645 -7.47 -18.14 15.00
CA ASP A 645 -6.96 -17.40 16.15
C ASP A 645 -5.55 -17.88 16.46
N PRO A 646 -4.54 -16.99 16.48
CA PRO A 646 -3.18 -17.43 16.83
C PRO A 646 -3.06 -18.07 18.21
N GLN A 647 -3.92 -17.68 19.16
CA GLN A 647 -3.87 -18.29 20.48
C GLN A 647 -4.13 -19.79 20.42
N GLU A 648 -4.98 -20.22 19.50
CA GLU A 648 -5.23 -21.64 19.32
C GLU A 648 -3.98 -22.34 18.81
N LEU A 649 -3.33 -21.75 17.82
CA LEU A 649 -2.11 -22.33 17.27
C LEU A 649 -0.97 -22.29 18.28
N ILE A 650 -0.91 -21.22 19.09
CA ILE A 650 0.18 -21.11 20.07
C ILE A 650 0.00 -22.14 21.18
N ASN A 651 -1.22 -22.32 21.68
CA ASN A 651 -1.45 -23.36 22.69
C ASN A 651 -1.04 -24.72 22.17
N ALA A 652 -1.38 -25.01 20.92
CA ALA A 652 -1.04 -26.31 20.32
C ALA A 652 0.43 -26.43 19.98
N TYR A 653 1.03 -25.41 19.35
CA TYR A 653 2.40 -25.58 18.81
C TYR A 653 3.43 -24.55 19.21
N GLY A 654 3.05 -23.41 19.75
CA GLY A 654 4.03 -22.40 20.08
C GLY A 654 4.03 -21.23 19.10
N ALA A 655 4.46 -20.06 19.59
CA ALA A 655 4.55 -18.87 18.75
C ALA A 655 5.56 -19.08 17.62
N ASP A 656 6.68 -19.75 17.91
CA ASP A 656 7.71 -19.87 16.87
C ASP A 656 7.22 -20.72 15.70
N THR A 657 6.45 -21.78 15.98
CA THR A 657 5.89 -22.57 14.90
C THR A 657 4.97 -21.73 14.02
N ALA A 658 4.16 -20.85 14.63
CA ALA A 658 3.27 -20.01 13.85
C ALA A 658 4.05 -19.00 13.03
N ARG A 659 5.08 -18.39 13.61
CA ARG A 659 5.88 -17.44 12.87
C ARG A 659 6.64 -18.11 11.73
N LEU A 660 7.25 -19.26 12.02
CA LEU A 660 8.03 -19.96 11.01
C LEU A 660 7.17 -20.38 9.84
N PHE A 661 6.01 -20.99 10.13
CA PHE A 661 5.11 -21.38 9.06
C PHE A 661 4.73 -20.20 8.16
N MET A 662 4.32 -19.07 8.74
CA MET A 662 3.96 -17.89 7.92
C MET A 662 5.11 -17.47 7.02
N MET A 663 6.32 -17.37 7.59
CA MET A 663 7.46 -16.84 6.84
C MET A 663 8.00 -17.82 5.79
N PHE A 664 7.75 -19.12 5.94
CA PHE A 664 8.32 -20.14 5.07
C PHE A 664 7.38 -20.62 3.97
N ALA A 665 6.05 -20.55 4.16
CA ALA A 665 5.12 -21.15 3.22
C ALA A 665 5.05 -20.42 1.88
N ALA A 666 5.34 -19.12 1.85
CA ALA A 666 5.27 -18.38 0.59
C ALA A 666 6.16 -17.16 0.69
N PRO A 667 6.70 -16.67 -0.42
CA PRO A 667 7.27 -15.32 -0.45
C PRO A 667 6.29 -14.33 0.16
N PRO A 668 6.76 -13.32 0.88
CA PRO A 668 5.84 -12.45 1.63
C PRO A 668 4.80 -11.73 0.79
N GLU A 669 5.02 -11.55 -0.52
CA GLU A 669 4.05 -10.85 -1.34
C GLU A 669 3.01 -11.78 -1.96
N GLN A 670 3.27 -13.08 -1.99
CA GLN A 670 2.37 -14.04 -2.58
C GLN A 670 1.36 -14.52 -1.54
N SER A 671 0.15 -14.83 -2.00
CA SER A 671 -0.86 -15.37 -1.10
C SER A 671 -0.37 -16.66 -0.44
N LEU A 672 -0.92 -16.95 0.73
CA LEU A 672 -0.46 -18.04 1.60
C LEU A 672 -1.68 -18.85 2.01
N GLU A 673 -1.68 -20.14 1.68
CA GLU A 673 -2.81 -20.99 1.97
C GLU A 673 -2.65 -21.56 3.37
N TRP A 674 -3.66 -21.37 4.21
CA TRP A 674 -3.58 -22.01 5.52
C TRP A 674 -3.54 -23.51 5.34
N SER A 675 -2.69 -24.16 6.12
CA SER A 675 -2.42 -25.57 5.90
C SER A 675 -2.04 -26.22 7.22
N ASP A 676 -2.84 -27.22 7.65
CA ASP A 676 -2.45 -28.03 8.80
C ASP A 676 -1.08 -28.65 8.59
N SER A 677 -0.84 -29.20 7.38
CA SER A 677 0.42 -29.88 7.16
C SER A 677 1.59 -28.91 7.10
N GLY A 678 1.34 -27.63 6.80
CA GLY A 678 2.41 -26.65 6.86
C GLY A 678 2.82 -26.32 8.28
N VAL A 679 1.84 -26.20 9.18
CA VAL A 679 2.15 -26.01 10.59
C VAL A 679 3.00 -27.15 11.12
N GLU A 680 2.61 -28.39 10.82
CA GLU A 680 3.38 -29.53 11.32
C GLU A 680 4.82 -29.50 10.79
N GLY A 681 4.99 -29.17 9.50
CA GLY A 681 6.33 -29.08 8.96
C GLY A 681 7.17 -28.01 9.64
N ALA A 682 6.58 -26.84 9.91
CA ALA A 682 7.30 -25.84 10.70
C ALA A 682 7.72 -26.42 12.05
N HIS A 683 6.80 -27.12 12.72
CA HIS A 683 7.10 -27.62 14.04
C HIS A 683 8.22 -28.65 14.01
N ARG A 684 8.18 -29.56 13.03
CA ARG A 684 9.26 -30.53 12.86
C ARG A 684 10.60 -29.85 12.68
N PHE A 685 10.65 -28.76 11.90
CA PHE A 685 11.94 -28.11 11.70
C PHE A 685 12.47 -27.52 13.00
N LEU A 686 11.59 -26.97 13.84
CA LEU A 686 12.06 -26.47 15.13
C LEU A 686 12.52 -27.60 16.04
N ARG A 687 11.83 -28.74 16.02
CA ARG A 687 12.34 -29.90 16.77
C ARG A 687 13.69 -30.32 16.23
N ARG A 688 13.88 -30.27 14.90
CA ARG A 688 15.17 -30.60 14.29
C ARG A 688 16.28 -29.70 14.82
N LEU A 689 16.04 -28.39 14.85
CA LEU A 689 17.05 -27.42 15.30
C LEU A 689 17.37 -27.60 16.77
N TRP A 690 16.34 -27.82 17.58
CA TRP A 690 16.56 -28.13 19.00
C TRP A 690 17.41 -29.38 19.15
N ARG A 691 17.05 -30.44 18.42
CA ARG A 691 17.78 -31.70 18.47
C ARG A 691 19.23 -31.51 18.07
N THR A 692 19.49 -30.68 17.06
CA THR A 692 20.85 -30.50 16.58
C THR A 692 21.72 -29.86 17.66
N VAL A 693 21.22 -28.82 18.32
CA VAL A 693 22.04 -28.19 19.33
C VAL A 693 22.21 -29.11 20.55
N TYR A 694 21.16 -29.84 20.92
CA TYR A 694 21.27 -30.71 22.10
C TYR A 694 22.25 -31.84 21.85
N GLU A 695 22.18 -32.48 20.67
CA GLU A 695 23.11 -33.56 20.37
C GLU A 695 24.54 -33.04 20.26
N TYR A 696 24.72 -31.81 19.80
CA TYR A 696 26.05 -31.21 19.76
C TYR A 696 26.59 -31.01 21.17
N LEU A 697 25.80 -30.38 22.04
CA LEU A 697 26.24 -30.16 23.42
C LEU A 697 26.32 -31.48 24.19
N LYS A 698 25.52 -32.47 23.82
CA LYS A 698 25.62 -33.77 24.49
C LYS A 698 27.00 -34.39 24.29
N GLN A 699 27.60 -34.18 23.12
CA GLN A 699 28.86 -34.79 22.74
C GLN A 699 30.09 -33.98 23.18
N GLY A 700 29.99 -33.13 24.20
CA GLY A 700 31.19 -32.51 24.73
C GLY A 700 31.15 -31.06 25.15
N GLY A 701 29.97 -30.44 25.15
CA GLY A 701 29.88 -29.09 25.65
C GLY A 701 30.46 -28.02 24.74
N ALA A 702 30.13 -26.76 25.05
CA ALA A 702 30.44 -25.65 24.16
C ALA A 702 31.93 -25.35 24.14
N VAL A 703 32.45 -24.98 22.97
CA VAL A 703 33.84 -24.56 22.80
C VAL A 703 33.86 -23.16 22.19
N LYS A 704 35.07 -22.62 22.00
CA LYS A 704 35.23 -21.36 21.29
C LYS A 704 34.96 -21.59 19.80
N ALA A 705 34.14 -20.75 19.21
CA ALA A 705 33.78 -20.93 17.81
C ALA A 705 35.01 -20.73 16.95
N PHE A 706 35.13 -21.55 15.90
CA PHE A 706 36.26 -21.40 14.98
C PHE A 706 36.30 -19.98 14.43
N ALA A 707 37.51 -19.46 14.27
CA ALA A 707 37.72 -18.15 13.66
C ALA A 707 39.15 -18.06 13.16
N GLY A 708 39.35 -17.20 12.17
CA GLY A 708 40.68 -16.93 11.68
C GLY A 708 41.08 -17.77 10.49
N ASN A 709 42.39 -17.90 10.33
CA ASN A 709 42.98 -18.61 9.22
C ASN A 709 42.58 -20.09 9.25
N GLN A 710 42.02 -20.56 8.14
CA GLN A 710 41.57 -21.94 8.00
C GLN A 710 42.55 -22.82 7.22
N ASP A 711 43.77 -22.36 7.02
CA ASP A 711 44.77 -23.26 6.49
C ASP A 711 45.03 -24.37 7.50
N GLY A 712 45.07 -25.60 7.01
CA GLY A 712 45.21 -26.75 7.84
C GLY A 712 43.91 -27.46 8.16
N LEU A 713 42.77 -26.78 7.99
CA LEU A 713 41.50 -27.47 8.15
C LEU A 713 41.35 -28.52 7.06
N SER A 714 40.69 -29.62 7.41
CA SER A 714 40.39 -30.66 6.43
C SER A 714 39.44 -30.12 5.35
N LYS A 715 39.48 -30.77 4.19
CA LYS A 715 38.63 -30.41 3.07
C LYS A 715 37.15 -30.33 3.49
N GLU A 716 36.68 -31.32 4.24
CA GLU A 716 35.28 -31.37 4.63
C GLU A 716 34.90 -30.21 5.52
N LEU A 717 35.80 -29.83 6.45
CA LEU A 717 35.51 -28.70 7.32
C LEU A 717 35.61 -27.39 6.55
N LYS A 718 36.55 -27.29 5.60
CA LYS A 718 36.62 -26.12 4.75
C LYS A 718 35.33 -25.98 3.95
N ASP A 719 34.81 -27.10 3.46
CA ASP A 719 33.56 -27.09 2.70
C ASP A 719 32.39 -26.68 3.57
N LEU A 720 32.39 -27.08 4.85
CA LEU A 720 31.31 -26.68 5.74
C LEU A 720 31.38 -25.18 6.03
N ARG A 721 32.58 -24.65 6.25
CA ARG A 721 32.72 -23.20 6.43
C ARG A 721 32.33 -22.42 5.18
N HIS A 722 32.66 -22.94 3.98
CA HIS A 722 32.25 -22.28 2.76
C HIS A 722 30.73 -22.23 2.69
N LYS A 723 30.07 -23.36 2.95
CA LYS A 723 28.62 -23.39 3.07
C LYS A 723 28.11 -22.41 4.10
N LEU A 724 28.79 -22.33 5.25
CA LEU A 724 28.32 -21.46 6.31
C LEU A 724 28.36 -20.00 5.88
N HIS A 725 29.48 -19.57 5.33
CA HIS A 725 29.64 -18.15 5.10
C HIS A 725 28.91 -17.70 3.85
N SER A 726 28.82 -18.57 2.85
CA SER A 726 27.92 -18.28 1.74
C SER A 726 26.47 -18.33 2.19
N THR A 727 26.13 -19.13 3.22
CA THR A 727 24.78 -19.07 3.75
C THR A 727 24.55 -17.75 4.48
N THR A 728 25.57 -17.27 5.20
CA THR A 728 25.45 -15.95 5.83
C THR A 728 25.28 -14.84 4.78
N ALA A 729 26.00 -14.91 3.66
CA ALA A 729 25.85 -13.84 2.66
C ALA A 729 24.43 -13.87 2.07
N LYS A 730 23.92 -15.06 1.76
CA LYS A 730 22.63 -15.16 1.11
C LYS A 730 21.48 -14.79 2.04
N VAL A 731 21.59 -15.10 3.34
CA VAL A 731 20.53 -14.73 4.26
C VAL A 731 20.51 -13.23 4.48
N SER A 732 21.69 -12.60 4.61
CA SER A 732 21.72 -11.16 4.80
C SER A 732 21.13 -10.43 3.61
N ASP A 733 21.30 -10.99 2.40
CA ASP A 733 20.76 -10.35 1.22
C ASP A 733 19.26 -10.59 1.09
N ASP A 734 18.78 -11.75 1.57
CA ASP A 734 17.35 -12.04 1.53
C ASP A 734 16.57 -11.22 2.54
N TYR A 735 17.11 -11.01 3.75
CA TYR A 735 16.44 -10.12 4.71
C TYR A 735 16.55 -8.66 4.30
N GLY A 736 17.72 -8.25 3.80
CA GLY A 736 18.02 -6.84 3.68
C GLY A 736 17.65 -6.21 2.35
N ARG A 737 18.00 -6.88 1.24
CA ARG A 737 17.70 -6.37 -0.08
C ARG A 737 16.42 -6.98 -0.65
N ARG A 738 16.35 -8.31 -0.71
CA ARG A 738 15.24 -8.98 -1.37
C ARG A 738 13.97 -8.96 -0.54
N GLN A 739 14.10 -8.98 0.79
CA GLN A 739 12.96 -9.13 1.73
C GLN A 739 12.15 -10.37 1.39
N GLN A 740 12.85 -11.47 1.11
CA GLN A 740 12.26 -12.76 0.78
C GLN A 740 12.63 -13.73 1.90
N PHE A 741 11.74 -13.91 2.86
CA PHE A 741 12.13 -14.67 4.04
C PHE A 741 12.10 -16.18 3.82
N ASN A 742 11.22 -16.67 2.95
CA ASN A 742 11.11 -18.12 2.74
C ASN A 742 12.42 -18.69 2.20
N THR A 743 13.11 -17.94 1.34
CA THR A 743 14.36 -18.45 0.80
C THR A 743 15.50 -18.32 1.79
N ALA A 744 15.43 -17.34 2.70
CA ALA A 744 16.42 -17.26 3.77
C ALA A 744 16.33 -18.49 4.67
N ILE A 745 15.11 -18.89 5.04
CA ILE A 745 14.95 -20.07 5.88
C ILE A 745 15.44 -21.31 5.15
N ALA A 746 15.04 -21.45 3.89
CA ALA A 746 15.48 -22.60 3.09
C ALA A 746 17.01 -22.67 3.01
N ALA A 747 17.67 -21.51 3.02
CA ALA A 747 19.13 -21.49 2.97
C ALA A 747 19.73 -22.02 4.27
N VAL A 748 19.19 -21.63 5.41
CA VAL A 748 19.71 -22.12 6.68
C VAL A 748 19.49 -23.63 6.79
N MET A 749 18.40 -24.12 6.21
CA MET A 749 18.14 -25.56 6.21
C MET A 749 19.20 -26.31 5.41
N GLU A 750 19.67 -25.72 4.30
CA GLU A 750 20.71 -26.37 3.52
C GLU A 750 22.01 -26.45 4.31
N LEU A 751 22.35 -25.40 5.05
CA LEU A 751 23.54 -25.42 5.88
C LEU A 751 23.47 -26.57 6.88
N LEU A 752 22.30 -26.77 7.50
CA LEU A 752 22.17 -27.86 8.46
C LEU A 752 22.25 -29.22 7.78
N ASN A 753 21.78 -29.32 6.53
CA ASN A 753 21.95 -30.59 5.83
C ASN A 753 23.43 -30.86 5.60
N GLN A 754 24.19 -29.84 5.20
CA GLN A 754 25.63 -29.98 5.05
C GLN A 754 26.28 -30.33 6.39
N TYR A 755 25.96 -29.56 7.44
CA TYR A 755 26.38 -29.87 8.81
C TYR A 755 26.18 -31.34 9.12
N ASP A 756 24.94 -31.84 8.94
CA ASP A 756 24.60 -33.21 9.29
C ASP A 756 25.49 -34.22 8.57
N LYS A 757 25.95 -33.89 7.37
CA LYS A 757 26.80 -34.76 6.58
C LYS A 757 28.29 -34.53 6.86
N THR A 758 28.64 -33.71 7.84
CA THR A 758 30.04 -33.43 8.14
C THR A 758 30.41 -34.07 9.49
N ASP A 759 31.50 -34.84 9.49
CA ASP A 759 32.09 -35.38 10.71
C ASP A 759 32.72 -34.24 11.50
N THR A 760 32.06 -33.79 12.57
CA THR A 760 32.57 -32.68 13.37
C THR A 760 33.12 -33.13 14.72
N GLY A 761 33.59 -34.37 14.83
CA GLY A 761 34.03 -34.89 16.12
C GLY A 761 35.41 -34.47 16.60
N SER A 762 36.31 -34.10 15.67
CA SER A 762 37.67 -33.71 16.04
C SER A 762 37.66 -32.39 16.83
N GLU A 763 38.83 -32.03 17.37
CA GLU A 763 38.93 -30.74 18.04
C GLU A 763 38.64 -29.59 17.10
N GLN A 764 39.22 -29.62 15.90
CA GLN A 764 38.85 -28.62 14.92
C GLN A 764 37.40 -28.80 14.46
N GLY A 765 36.92 -30.04 14.38
CA GLY A 765 35.53 -30.27 14.03
C GLY A 765 34.57 -29.57 14.97
N ARG A 766 34.82 -29.68 16.28
CA ARG A 766 33.91 -29.07 17.25
C ARG A 766 33.89 -27.55 17.12
N ALA A 767 35.04 -26.96 16.79
CA ALA A 767 35.11 -25.50 16.70
C ALA A 767 34.32 -24.99 15.49
N VAL A 768 34.42 -25.68 14.35
CA VAL A 768 33.60 -25.29 13.20
C VAL A 768 32.12 -25.51 13.51
N ALA A 769 31.79 -26.64 14.15
CA ALA A 769 30.41 -26.93 14.53
C ALA A 769 29.85 -25.80 15.37
N GLN A 770 30.60 -25.37 16.39
CA GLN A 770 30.19 -24.24 17.20
C GLN A 770 29.95 -23.01 16.34
N GLU A 771 30.88 -22.73 15.42
CA GLU A 771 30.71 -21.60 14.49
C GLU A 771 29.42 -21.74 13.69
N VAL A 772 29.12 -22.94 13.18
CA VAL A 772 27.92 -23.15 12.37
C VAL A 772 26.67 -22.92 13.20
N LEU A 773 26.64 -23.52 14.39
CA LEU A 773 25.45 -23.44 15.24
C LEU A 773 25.24 -22.04 15.76
N GLU A 774 26.33 -21.35 16.12
CA GLU A 774 26.19 -19.96 16.59
C GLU A 774 25.68 -19.05 15.49
N ALA A 775 25.96 -19.38 14.23
CA ALA A 775 25.48 -18.55 13.14
C ALA A 775 24.04 -18.85 12.79
N ALA A 776 23.71 -20.14 12.65
CA ALA A 776 22.35 -20.55 12.37
C ALA A 776 21.36 -19.92 13.35
N VAL A 777 21.62 -20.01 14.66
CA VAL A 777 20.59 -19.55 15.60
C VAL A 777 20.42 -18.03 15.51
N ARG A 778 21.48 -17.31 15.17
CA ARG A 778 21.33 -15.87 14.98
C ARG A 778 20.66 -15.55 13.64
N LEU A 779 21.02 -16.28 12.59
CA LEU A 779 20.41 -16.08 11.28
C LEU A 779 18.90 -16.26 11.31
N LEU A 780 18.41 -17.15 12.19
CA LEU A 780 16.99 -17.44 12.32
C LEU A 780 16.31 -16.67 13.44
N TRP A 781 17.08 -15.98 14.29
CA TRP A 781 16.46 -15.28 15.42
C TRP A 781 15.38 -14.28 15.00
N PRO A 782 15.51 -13.54 13.90
CA PRO A 782 14.39 -12.69 13.48
C PRO A 782 13.13 -13.47 13.17
N ILE A 783 13.23 -14.68 12.65
CA ILE A 783 12.04 -15.48 12.36
C ILE A 783 11.50 -16.11 13.63
N VAL A 784 12.33 -16.87 14.34
CA VAL A 784 11.87 -17.64 15.48
C VAL A 784 12.72 -17.26 16.69
N PRO A 785 12.51 -16.07 17.26
CA PRO A 785 13.45 -15.58 18.27
C PRO A 785 13.38 -16.33 19.60
N HIS A 786 12.27 -17.02 19.91
CA HIS A 786 12.16 -17.70 21.21
C HIS A 786 13.13 -18.88 21.28
N ILE A 787 13.02 -19.82 20.33
CA ILE A 787 13.92 -20.96 20.31
C ILE A 787 15.37 -20.52 20.12
N CYS A 788 15.60 -19.50 19.26
CA CYS A 788 16.98 -19.11 18.98
C CYS A 788 17.63 -18.42 20.17
N GLU A 789 16.87 -17.57 20.88
CA GLU A 789 17.36 -17.04 22.15
C GLU A 789 17.76 -18.16 23.10
N THR A 790 16.92 -19.17 23.24
CA THR A 790 17.17 -20.24 24.20
C THR A 790 18.38 -21.07 23.77
N LEU A 791 18.42 -21.49 22.50
CA LEU A 791 19.55 -22.27 22.01
C LEU A 791 20.85 -21.49 22.11
N TRP A 792 20.83 -20.20 21.73
CA TRP A 792 22.02 -19.38 21.82
C TRP A 792 22.60 -19.38 23.24
N SER A 793 21.74 -19.20 24.25
CA SER A 793 22.23 -19.13 25.62
C SER A 793 22.85 -20.45 26.07
N GLU A 794 22.45 -21.57 25.46
CA GLU A 794 23.12 -22.84 25.72
C GLU A 794 24.46 -22.95 25.00
N LEU A 795 24.63 -22.24 23.87
CA LEU A 795 25.89 -22.30 23.13
C LEU A 795 26.95 -21.31 23.63
N ASN A 796 26.54 -20.12 24.08
CA ASN A 796 27.43 -18.97 24.20
C ASN A 796 26.87 -18.05 25.29
N GLY A 797 27.76 -17.53 26.15
CA GLY A 797 27.35 -16.73 27.30
C GLY A 797 27.01 -15.28 27.01
N ALA A 798 27.44 -14.75 25.86
CA ALA A 798 27.18 -13.36 25.55
C ALA A 798 25.69 -13.13 25.24
N LYS A 799 25.26 -11.88 25.37
CA LYS A 799 23.91 -11.52 24.95
C LYS A 799 23.81 -11.59 23.43
N LEU A 800 22.78 -12.29 22.93
CA LEU A 800 22.68 -12.51 21.50
C LEU A 800 22.68 -11.19 20.74
N TRP A 801 21.95 -10.19 21.24
CA TRP A 801 21.84 -8.92 20.54
C TRP A 801 23.11 -8.08 20.62
N GLU A 802 24.08 -8.42 21.47
CA GLU A 802 25.36 -7.74 21.43
C GLU A 802 26.40 -8.49 20.60
N ALA A 803 26.24 -9.81 20.43
CA ALA A 803 27.04 -10.54 19.47
C ALA A 803 26.73 -10.11 18.04
N GLY A 804 25.50 -9.68 17.77
CA GLY A 804 25.17 -9.06 16.51
C GLY A 804 25.00 -10.02 15.36
N TRP A 805 24.61 -9.44 14.23
CA TRP A 805 24.40 -10.21 13.01
C TRP A 805 25.70 -10.91 12.60
N PRO A 806 25.64 -12.19 12.24
CA PRO A 806 26.87 -12.91 11.85
C PRO A 806 27.58 -12.20 10.71
N THR A 807 28.92 -12.19 10.75
CA THR A 807 29.70 -11.61 9.66
C THR A 807 30.16 -12.68 8.67
N VAL A 808 30.39 -12.25 7.42
CA VAL A 808 30.88 -13.12 6.36
C VAL A 808 32.41 -13.10 6.35
N ASP A 809 33.03 -14.28 6.43
CA ASP A 809 34.47 -14.45 6.36
C ASP A 809 34.84 -14.67 4.90
N GLU A 810 35.39 -13.64 4.25
CA GLU A 810 35.65 -13.73 2.81
C GLU A 810 36.64 -14.85 2.48
N ALA A 811 37.62 -15.08 3.34
CA ALA A 811 38.59 -16.14 3.08
C ALA A 811 37.90 -17.50 3.01
N ALA A 812 36.85 -17.70 3.80
CA ALA A 812 36.14 -18.97 3.80
C ALA A 812 35.55 -19.31 2.44
N LEU A 813 35.32 -18.29 1.59
CA LEU A 813 34.73 -18.48 0.28
C LEU A 813 35.75 -18.77 -0.82
N VAL A 814 37.04 -18.63 -0.54
CA VAL A 814 38.07 -18.86 -1.55
C VAL A 814 38.27 -20.37 -1.71
N LYS A 815 37.90 -20.91 -2.87
CA LYS A 815 38.14 -22.32 -3.15
C LYS A 815 39.60 -22.55 -3.52
N SER A 816 39.98 -23.82 -3.66
CA SER A 816 41.39 -24.13 -3.84
C SER A 816 41.80 -24.09 -5.33
N GLU A 817 43.02 -23.62 -5.57
CA GLU A 817 43.60 -23.57 -6.91
C GLU A 817 43.92 -24.98 -7.41
N ILE A 818 44.00 -25.13 -8.74
CA ILE A 818 44.25 -26.40 -9.38
C ILE A 818 45.40 -26.25 -10.38
N GLU A 819 46.14 -27.34 -10.59
CA GLU A 819 47.25 -27.36 -11.53
C GLU A 819 46.78 -27.95 -12.85
N VAL A 820 47.13 -27.29 -13.96
CA VAL A 820 46.66 -27.67 -15.29
C VAL A 820 47.87 -27.97 -16.17
N MET A 821 47.72 -28.98 -17.04
CA MET A 821 48.78 -29.40 -17.96
C MET A 821 48.75 -28.55 -19.22
N VAL A 822 49.91 -28.04 -19.64
CA VAL A 822 50.02 -27.29 -20.88
C VAL A 822 50.71 -28.17 -21.92
N GLN A 823 49.97 -28.48 -23.00
CA GLN A 823 50.47 -29.31 -24.09
C GLN A 823 50.63 -28.47 -25.34
N VAL A 824 51.78 -28.62 -26.00
CA VAL A 824 51.97 -28.04 -27.33
C VAL A 824 51.82 -29.20 -28.31
N ASN A 825 50.72 -29.19 -29.06
CA ASN A 825 50.42 -30.23 -30.05
C ASN A 825 50.29 -31.61 -29.41
N GLY A 826 49.76 -31.67 -28.19
CA GLY A 826 49.57 -32.92 -27.49
C GLY A 826 50.74 -33.38 -26.64
N LYS A 827 51.90 -32.73 -26.74
CA LYS A 827 53.08 -33.09 -25.96
C LYS A 827 53.23 -32.11 -24.79
N LEU A 828 53.29 -32.66 -23.57
CA LEU A 828 53.37 -31.86 -22.35
C LEU A 828 54.60 -30.95 -22.38
N ARG A 829 54.37 -29.65 -22.21
CA ARG A 829 55.45 -28.66 -22.23
C ARG A 829 55.55 -27.83 -20.95
N GLY A 830 54.58 -27.93 -20.05
CA GLY A 830 54.66 -27.20 -18.80
C GLY A 830 53.42 -27.45 -17.95
N LYS A 831 53.39 -26.75 -16.82
CA LYS A 831 52.28 -26.76 -15.89
C LYS A 831 51.89 -25.32 -15.57
N ILE A 832 50.60 -25.11 -15.27
CA ILE A 832 50.12 -23.79 -14.85
C ILE A 832 49.28 -23.95 -13.59
N THR A 833 49.47 -23.05 -12.65
CA THR A 833 48.57 -22.94 -11.49
C THR A 833 47.50 -21.91 -11.80
N VAL A 834 46.24 -22.35 -11.74
CA VAL A 834 45.09 -21.55 -12.16
C VAL A 834 44.03 -21.59 -11.05
N ALA A 835 43.23 -20.53 -10.98
CA ALA A 835 42.22 -20.50 -9.92
C ALA A 835 41.06 -21.44 -10.24
N ALA A 836 40.35 -21.84 -9.17
CA ALA A 836 39.20 -22.73 -9.35
C ALA A 836 38.08 -22.05 -10.12
N ASP A 837 38.01 -20.72 -10.09
CA ASP A 837 36.99 -19.96 -10.81
C ASP A 837 37.42 -19.58 -12.21
N ALA A 838 38.61 -20.00 -12.63
CA ALA A 838 39.18 -19.50 -13.87
C ALA A 838 38.34 -19.93 -15.07
N SER A 839 38.14 -19.00 -15.99
CA SER A 839 37.43 -19.22 -17.23
C SER A 839 38.32 -19.93 -18.25
N LYS A 840 37.68 -20.38 -19.34
CA LYS A 840 38.43 -20.97 -20.44
C LYS A 840 39.39 -19.97 -21.06
N ALA A 841 39.07 -18.68 -21.01
CA ALA A 841 39.94 -17.65 -21.58
C ALA A 841 41.15 -17.35 -20.69
N ASP A 842 41.00 -17.47 -19.37
CA ASP A 842 42.16 -17.36 -18.48
C ASP A 842 43.10 -18.53 -18.70
N LEU A 843 42.56 -19.75 -18.78
CA LEU A 843 43.39 -20.93 -19.07
C LEU A 843 44.15 -20.74 -20.38
N GLU A 844 43.44 -20.35 -21.44
CA GLU A 844 44.10 -20.08 -22.73
C GLU A 844 45.22 -19.07 -22.56
N ALA A 845 44.97 -17.98 -21.82
CA ALA A 845 46.00 -16.97 -21.63
C ALA A 845 47.18 -17.53 -20.84
N ALA A 846 46.91 -18.11 -19.67
CA ALA A 846 47.98 -18.66 -18.84
C ALA A 846 48.78 -19.72 -19.58
N ALA A 847 48.09 -20.53 -20.40
CA ALA A 847 48.79 -21.55 -21.17
C ALA A 847 49.71 -20.94 -22.22
N LEU A 848 49.29 -19.82 -22.83
CA LEU A 848 50.09 -19.23 -23.91
C LEU A 848 51.35 -18.54 -23.38
N ALA A 849 51.38 -18.19 -22.10
CA ALA A 849 52.51 -17.50 -21.49
C ALA A 849 53.45 -18.45 -20.76
N ASN A 850 53.11 -19.74 -20.66
CA ASN A 850 53.98 -20.70 -20.00
C ASN A 850 55.30 -20.83 -20.75
N GLU A 851 56.40 -20.73 -20.01
CA GLU A 851 57.72 -20.67 -20.64
C GLU A 851 57.99 -21.90 -21.50
N GLY A 852 57.54 -23.08 -21.05
CA GLY A 852 57.79 -24.29 -21.81
C GLY A 852 56.94 -24.39 -23.07
N ALA A 853 55.69 -23.91 -23.00
CA ALA A 853 54.88 -23.82 -24.20
C ALA A 853 55.48 -22.83 -25.19
N VAL A 854 55.80 -21.63 -24.72
CA VAL A 854 56.30 -20.57 -25.60
C VAL A 854 57.55 -21.01 -26.34
N LYS A 855 58.39 -21.84 -25.71
CA LYS A 855 59.61 -22.30 -26.37
C LYS A 855 59.31 -23.33 -27.46
N PHE A 856 58.38 -24.25 -27.20
CA PHE A 856 58.07 -25.32 -28.14
C PHE A 856 57.01 -24.93 -29.16
N MET A 857 56.67 -23.63 -29.25
CA MET A 857 55.82 -23.13 -30.31
C MET A 857 56.59 -22.48 -31.46
N GLU A 858 57.85 -22.08 -31.24
CA GLU A 858 58.76 -21.58 -32.29
C GLU A 858 58.12 -20.47 -33.10
N GLY A 859 57.61 -19.44 -32.41
CA GLY A 859 57.03 -18.28 -33.06
C GLY A 859 55.80 -18.53 -33.90
N LYS A 860 55.44 -19.81 -34.17
CA LYS A 860 54.26 -20.14 -34.95
C LYS A 860 52.99 -19.93 -34.12
N PRO A 861 51.90 -19.48 -34.73
CA PRO A 861 50.66 -19.23 -33.99
C PRO A 861 49.93 -20.53 -33.68
N ALA A 862 48.78 -20.39 -33.04
CA ALA A 862 47.92 -21.53 -32.72
C ALA A 862 46.82 -21.61 -33.77
N LYS A 863 46.62 -22.81 -34.34
CA LYS A 863 45.45 -23.03 -35.18
C LYS A 863 44.20 -23.21 -34.33
N LYS A 864 44.32 -23.90 -33.19
CA LYS A 864 43.26 -24.00 -32.21
C LYS A 864 43.90 -24.20 -30.85
N ILE A 865 43.14 -23.91 -29.79
CA ILE A 865 43.55 -24.16 -28.41
C ILE A 865 42.40 -24.89 -27.73
N ILE A 866 42.63 -26.14 -27.37
CA ILE A 866 41.62 -26.98 -26.72
C ILE A 866 41.76 -26.85 -25.21
N VAL A 867 40.71 -26.40 -24.55
CA VAL A 867 40.72 -26.22 -23.10
C VAL A 867 39.86 -27.32 -22.49
N VAL A 868 40.47 -28.15 -21.64
CA VAL A 868 39.72 -29.05 -20.78
C VAL A 868 39.77 -28.46 -19.37
N PRO A 869 38.70 -27.81 -18.92
CA PRO A 869 38.72 -27.22 -17.57
C PRO A 869 39.22 -28.23 -16.55
N GLY A 870 40.07 -27.75 -15.64
CA GLY A 870 40.60 -28.57 -14.57
C GLY A 870 41.65 -29.58 -14.95
N ARG A 871 41.81 -29.91 -16.24
CA ARG A 871 42.72 -30.98 -16.64
C ARG A 871 43.87 -30.47 -17.50
N LEU A 872 43.60 -29.94 -18.70
CA LEU A 872 44.71 -29.60 -19.58
C LEU A 872 44.31 -28.53 -20.59
N VAL A 873 45.32 -27.84 -21.09
CA VAL A 873 45.23 -26.96 -22.24
C VAL A 873 46.16 -27.50 -23.32
N ASN A 874 45.66 -27.59 -24.55
CA ASN A 874 46.42 -28.10 -25.68
C ASN A 874 46.42 -27.02 -26.76
N ILE A 875 47.62 -26.47 -27.04
CA ILE A 875 47.79 -25.47 -28.11
C ILE A 875 48.16 -26.17 -29.40
N VAL A 876 47.40 -25.88 -30.47
CA VAL A 876 47.70 -26.40 -31.81
C VAL A 876 48.60 -25.43 -32.57
C1 LSS B . -6.55 -1.70 8.86
N1 LSS B . -3.84 -11.69 5.19
O1 LSS B . -6.69 -2.18 7.74
S1 LSS B . -6.94 -4.19 9.76
C2 LSS B . -2.80 -10.85 5.31
N2 LSS B . -6.64 -2.64 9.94
O2 LSS B . -3.72 -5.79 5.05
N3 LSS B . -2.76 -9.66 5.90
O3 LSS B . -2.16 -4.30 6.62
C4 LSS B . -3.95 -9.33 6.40
N4 LSS B . -6.58 -0.07 10.62
O4 LSS B . -3.46 -6.56 8.52
C5 LSS B . -5.11 -10.09 6.37
O5 LSS B . -5.68 -4.88 9.05
C6 LSS B . -5.03 -11.34 5.72
N6 LSS B . -6.06 -12.18 5.57
C7 LSS B . -4.77 1.73 8.66
N7 LSS B . -6.16 -9.44 6.99
C8 LSS B . -5.63 -8.30 7.38
C9 LSS B . -4.90 0.20 8.77
N9 LSS B . -4.30 -8.15 7.04
CA LSS B . -6.31 -0.24 9.17
C10 LSS B . -3.31 2.17 8.48
C11 LSS B . -5.66 2.28 7.54
O1A LSS B . -8.01 -4.43 8.87
C21 LSS B . -3.50 -6.96 7.16
C22 LSS B . -4.08 -5.75 6.42
C23 LSS B . -3.45 -4.58 7.17
C24 LSS B . -3.33 -5.12 8.60
C25 LSS B . -4.34 -4.58 9.59
O2A LSS B . -6.93 -4.71 11.09
C1 EDO C . 30.81 -12.95 14.74
O1 EDO C . 30.28 -13.88 15.68
C2 EDO C . 31.08 -13.66 13.41
O2 EDO C . 29.89 -14.35 12.99
ZN ZN D . -20.64 34.30 18.75
MG MG E . 16.35 9.82 -2.96
#